data_2YSE
#
_entry.id   2YSE
#
_entity_poly.entity_id   1
_entity_poly.type   'polypeptide(L)'
_entity_poly.pdbx_seq_one_letter_code
;GSSGSSGLDSELELPAGWEKIEDPVYGIYYVDHINRKTQYENPVLEAKRKKQLESGPSSG
;
_entity_poly.pdbx_strand_id   A
#
# COMPACT_ATOMS: atom_id res chain seq x y z
N GLY A 1 7.71 -12.78 11.36
CA GLY A 1 7.05 -11.53 11.08
C GLY A 1 7.20 -10.53 12.22
N SER A 2 7.32 -9.25 11.88
CA SER A 2 7.47 -8.20 12.89
C SER A 2 6.14 -7.50 13.13
N SER A 3 5.68 -7.54 14.38
CA SER A 3 4.42 -6.91 14.75
C SER A 3 4.65 -5.46 15.18
N GLY A 4 4.03 -4.53 14.46
CA GLY A 4 4.17 -3.12 14.79
C GLY A 4 3.12 -2.65 15.76
N SER A 5 3.48 -1.70 16.61
CA SER A 5 2.56 -1.15 17.60
C SER A 5 1.51 -0.27 16.94
N SER A 6 1.97 0.72 16.19
CA SER A 6 1.08 1.65 15.51
C SER A 6 0.74 1.14 14.10
N GLY A 7 -0.55 1.09 13.80
CA GLY A 7 -0.98 0.63 12.49
C GLY A 7 -2.03 1.53 11.87
N LEU A 8 -1.64 2.76 11.54
CA LEU A 8 -2.55 3.72 10.94
C LEU A 8 -2.63 3.54 9.43
N ASP A 9 -2.44 2.29 8.98
CA ASP A 9 -2.49 1.98 7.56
C ASP A 9 -3.88 1.47 7.16
N SER A 10 -4.33 1.88 5.98
CA SER A 10 -5.65 1.47 5.48
C SER A 10 -5.71 1.59 3.96
N GLU A 11 -6.83 1.16 3.39
CA GLU A 11 -7.02 1.22 1.95
C GLU A 11 -6.43 2.52 1.38
N LEU A 12 -6.79 3.64 1.99
CA LEU A 12 -6.31 4.94 1.56
C LEU A 12 -6.78 5.25 0.14
N GLU A 13 -8.04 4.94 -0.14
CA GLU A 13 -8.61 5.18 -1.46
C GLU A 13 -7.90 4.34 -2.52
N LEU A 14 -7.84 3.03 -2.30
CA LEU A 14 -7.18 2.14 -3.24
C LEU A 14 -7.71 2.33 -4.65
N PRO A 15 -6.87 2.03 -5.66
CA PRO A 15 -7.24 2.17 -7.06
C PRO A 15 -8.28 1.14 -7.49
N ALA A 16 -7.81 0.00 -7.97
CA ALA A 16 -8.70 -1.07 -8.41
C ALA A 16 -8.10 -2.44 -8.15
N GLY A 17 -8.91 -3.34 -7.61
CA GLY A 17 -8.43 -4.68 -7.31
C GLY A 17 -7.73 -4.77 -5.96
N TRP A 18 -8.18 -3.95 -5.02
CA TRP A 18 -7.59 -3.92 -3.69
C TRP A 18 -8.66 -4.17 -2.62
N GLU A 19 -8.32 -5.02 -1.65
CA GLU A 19 -9.24 -5.35 -0.57
C GLU A 19 -8.53 -5.35 0.78
N LYS A 20 -8.96 -4.45 1.66
CA LYS A 20 -8.36 -4.35 2.99
C LYS A 20 -8.95 -5.40 3.93
N ILE A 21 -8.12 -6.38 4.28
CA ILE A 21 -8.56 -7.45 5.18
C ILE A 21 -7.96 -7.28 6.56
N GLU A 22 -8.82 -7.14 7.56
CA GLU A 22 -8.37 -6.97 8.94
C GLU A 22 -8.40 -8.29 9.69
N ASP A 23 -7.23 -8.74 10.14
CA ASP A 23 -7.13 -10.01 10.88
C ASP A 23 -6.51 -9.77 12.25
N PRO A 24 -6.97 -10.56 13.24
CA PRO A 24 -6.48 -10.46 14.62
C PRO A 24 -5.05 -10.96 14.76
N VAL A 25 -4.70 -11.97 13.97
CA VAL A 25 -3.37 -12.55 14.01
C VAL A 25 -2.52 -12.05 12.83
N TYR A 26 -3.11 -12.06 11.64
CA TYR A 26 -2.42 -11.61 10.44
C TYR A 26 -2.37 -10.09 10.38
N GLY A 27 -3.39 -9.45 10.94
CA GLY A 27 -3.44 -8.00 10.93
C GLY A 27 -4.16 -7.45 9.72
N ILE A 28 -3.94 -6.17 9.44
CA ILE A 28 -4.58 -5.52 8.30
C ILE A 28 -3.67 -5.56 7.07
N TYR A 29 -4.13 -6.24 6.03
CA TYR A 29 -3.35 -6.36 4.80
C TYR A 29 -4.26 -6.27 3.57
N TYR A 30 -3.73 -5.72 2.49
CA TYR A 30 -4.50 -5.58 1.25
C TYR A 30 -4.20 -6.73 0.30
N VAL A 31 -5.25 -7.37 -0.20
CA VAL A 31 -5.11 -8.48 -1.12
C VAL A 31 -5.54 -8.08 -2.53
N ASP A 32 -4.72 -8.43 -3.51
CA ASP A 32 -5.00 -8.11 -4.91
C ASP A 32 -5.59 -9.32 -5.64
N HIS A 33 -6.82 -9.18 -6.11
CA HIS A 33 -7.50 -10.26 -6.81
C HIS A 33 -7.14 -10.25 -8.29
N ILE A 34 -6.10 -9.50 -8.63
CA ILE A 34 -5.64 -9.41 -10.02
C ILE A 34 -4.23 -9.95 -10.17
N ASN A 35 -3.40 -9.73 -9.15
CA ASN A 35 -2.02 -10.19 -9.18
C ASN A 35 -1.76 -11.20 -8.06
N ARG A 36 -2.84 -11.69 -7.45
CA ARG A 36 -2.74 -12.66 -6.37
C ARG A 36 -1.53 -12.35 -5.49
N LYS A 37 -1.44 -11.11 -5.02
CA LYS A 37 -0.35 -10.70 -4.16
C LYS A 37 -0.86 -9.97 -2.92
N THR A 38 -0.10 -10.06 -1.83
CA THR A 38 -0.48 -9.40 -0.59
C THR A 38 0.73 -8.85 0.14
N GLN A 39 0.68 -7.57 0.49
CA GLN A 39 1.77 -6.93 1.20
C GLN A 39 1.26 -5.88 2.18
N TYR A 40 2.11 -5.47 3.12
CA TYR A 40 1.73 -4.48 4.11
C TYR A 40 1.77 -3.08 3.52
N GLU A 41 2.85 -2.77 2.80
CA GLU A 41 3.02 -1.46 2.19
C GLU A 41 1.85 -1.13 1.26
N ASN A 42 1.06 -0.14 1.65
CA ASN A 42 -0.10 0.27 0.86
C ASN A 42 0.34 0.73 -0.52
N PRO A 43 -0.46 0.35 -1.55
CA PRO A 43 -0.18 0.72 -2.94
C PRO A 43 -0.40 2.21 -3.20
N VAL A 44 -1.50 2.75 -2.68
CA VAL A 44 -1.83 4.16 -2.87
C VAL A 44 -0.65 5.04 -2.44
N LEU A 45 0.02 4.64 -1.37
CA LEU A 45 1.17 5.41 -0.87
C LEU A 45 2.38 5.24 -1.80
N GLU A 46 2.67 4.00 -2.15
CA GLU A 46 3.81 3.70 -3.02
C GLU A 46 3.68 4.47 -4.34
N ALA A 47 2.63 4.17 -5.09
CA ALA A 47 2.40 4.82 -6.38
C ALA A 47 2.46 6.34 -6.23
N LYS A 48 1.65 6.88 -5.34
CA LYS A 48 1.62 8.32 -5.11
C LYS A 48 2.98 8.82 -4.61
N ARG A 49 3.80 7.90 -4.14
CA ARG A 49 5.12 8.25 -3.63
C ARG A 49 6.15 8.27 -4.76
N LYS A 50 6.05 7.30 -5.66
CA LYS A 50 6.96 7.20 -6.80
C LYS A 50 6.40 7.93 -8.01
N LYS A 51 5.17 8.40 -7.91
CA LYS A 51 4.51 9.12 -9.00
C LYS A 51 4.68 10.62 -8.83
N GLN A 52 4.57 11.10 -7.59
CA GLN A 52 4.71 12.52 -7.30
C GLN A 52 6.04 13.05 -7.84
N LEU A 53 6.99 12.15 -8.04
CA LEU A 53 8.31 12.54 -8.55
C LEU A 53 8.17 13.46 -9.76
N GLU A 54 8.63 14.69 -9.61
CA GLU A 54 8.58 15.67 -10.70
C GLU A 54 9.83 15.62 -11.55
N SER A 55 10.99 15.52 -10.89
CA SER A 55 12.27 15.47 -11.59
C SER A 55 13.08 14.27 -11.14
N GLY A 56 13.84 13.68 -12.07
CA GLY A 56 14.65 12.52 -11.74
C GLY A 56 15.58 12.13 -12.88
N PRO A 57 16.37 11.08 -12.66
CA PRO A 57 17.32 10.58 -13.66
C PRO A 57 16.62 9.94 -14.86
N SER A 58 16.81 10.53 -16.04
CA SER A 58 16.19 10.02 -17.25
C SER A 58 17.08 8.97 -17.90
N SER A 59 16.47 7.85 -18.29
CA SER A 59 17.21 6.75 -18.92
C SER A 59 16.54 6.34 -20.22
N GLY A 60 15.22 6.11 -20.17
CA GLY A 60 14.50 5.71 -21.35
C GLY A 60 14.23 4.21 -21.39
N GLY A 1 12.43 -9.80 10.02
CA GLY A 1 11.82 -10.28 11.25
C GLY A 1 11.19 -9.17 12.06
N SER A 2 11.96 -8.59 12.98
CA SER A 2 11.46 -7.52 13.82
C SER A 2 11.49 -6.18 13.08
N SER A 3 10.33 -5.55 12.97
CA SER A 3 10.22 -4.28 12.27
C SER A 3 9.05 -3.46 12.82
N GLY A 4 9.37 -2.42 13.58
CA GLY A 4 8.34 -1.57 14.16
C GLY A 4 7.60 -0.76 13.11
N SER A 5 6.38 -0.35 13.43
CA SER A 5 5.56 0.42 12.51
C SER A 5 4.94 1.62 13.21
N SER A 6 4.40 1.38 14.40
CA SER A 6 3.77 2.44 15.18
C SER A 6 3.02 3.42 14.27
N GLY A 7 2.34 2.88 13.27
CA GLY A 7 1.60 3.72 12.34
C GLY A 7 0.36 3.04 11.80
N LEU A 8 -0.63 3.82 11.40
CA LEU A 8 -1.87 3.28 10.86
C LEU A 8 -1.81 3.22 9.34
N ASP A 9 -2.75 2.48 8.75
CA ASP A 9 -2.81 2.34 7.30
C ASP A 9 -4.13 1.72 6.87
N SER A 10 -4.76 2.31 5.85
CA SER A 10 -6.04 1.83 5.35
C SER A 10 -6.07 1.85 3.82
N GLU A 11 -7.14 1.33 3.25
CA GLU A 11 -7.30 1.29 1.80
C GLU A 11 -6.75 2.56 1.16
N LEU A 12 -7.11 3.71 1.73
CA LEU A 12 -6.67 5.00 1.23
C LEU A 12 -7.15 5.22 -0.20
N GLU A 13 -8.41 4.85 -0.46
CA GLU A 13 -8.99 5.02 -1.79
C GLU A 13 -8.25 4.17 -2.81
N LEU A 14 -8.14 2.87 -2.53
CA LEU A 14 -7.46 1.95 -3.43
C LEU A 14 -7.99 2.08 -4.85
N PRO A 15 -7.14 1.75 -5.83
CA PRO A 15 -7.50 1.83 -7.25
C PRO A 15 -8.51 0.78 -7.65
N ALA A 16 -8.01 -0.38 -8.08
CA ALA A 16 -8.88 -1.48 -8.49
C ALA A 16 -8.24 -2.83 -8.17
N GLY A 17 -9.05 -3.73 -7.61
CA GLY A 17 -8.54 -5.04 -7.25
C GLY A 17 -7.86 -5.05 -5.90
N TRP A 18 -8.33 -4.21 -4.99
CA TRP A 18 -7.75 -4.13 -3.66
C TRP A 18 -8.82 -4.37 -2.59
N GLU A 19 -8.46 -5.13 -1.56
CA GLU A 19 -9.38 -5.45 -0.48
C GLU A 19 -8.66 -5.45 0.86
N LYS A 20 -9.09 -4.57 1.76
CA LYS A 20 -8.49 -4.47 3.09
C LYS A 20 -8.98 -5.60 3.99
N ILE A 21 -8.05 -6.44 4.44
CA ILE A 21 -8.40 -7.56 5.31
C ILE A 21 -7.77 -7.38 6.70
N GLU A 22 -8.62 -7.30 7.72
CA GLU A 22 -8.16 -7.14 9.09
C GLU A 22 -8.12 -8.48 9.81
N ASP A 23 -6.93 -8.89 10.24
CA ASP A 23 -6.75 -10.15 10.94
C ASP A 23 -6.16 -9.91 12.32
N PRO A 24 -6.57 -10.73 13.30
CA PRO A 24 -6.09 -10.64 14.68
C PRO A 24 -4.63 -11.06 14.81
N VAL A 25 -4.23 -12.03 13.98
CA VAL A 25 -2.86 -12.53 14.00
C VAL A 25 -2.05 -11.97 12.85
N TYR A 26 -2.63 -11.99 11.66
CA TYR A 26 -1.97 -11.48 10.46
C TYR A 26 -2.01 -9.96 10.42
N GLY A 27 -3.06 -9.38 11.00
CA GLY A 27 -3.19 -7.94 11.01
C GLY A 27 -3.95 -7.42 9.80
N ILE A 28 -3.84 -6.12 9.56
CA ILE A 28 -4.51 -5.49 8.43
C ILE A 28 -3.61 -5.47 7.20
N TYR A 29 -4.04 -6.18 6.16
CA TYR A 29 -3.27 -6.24 4.91
C TYR A 29 -4.19 -6.18 3.71
N TYR A 30 -3.68 -5.65 2.60
CA TYR A 30 -4.45 -5.52 1.37
C TYR A 30 -4.17 -6.69 0.42
N VAL A 31 -5.23 -7.22 -0.18
CA VAL A 31 -5.09 -8.34 -1.11
C VAL A 31 -5.38 -7.89 -2.54
N ASP A 32 -4.58 -8.39 -3.48
CA ASP A 32 -4.74 -8.05 -4.89
C ASP A 32 -5.53 -9.13 -5.62
N HIS A 33 -6.69 -8.77 -6.14
CA HIS A 33 -7.54 -9.71 -6.86
C HIS A 33 -7.12 -9.80 -8.33
N ILE A 34 -6.01 -9.15 -8.66
CA ILE A 34 -5.51 -9.16 -10.03
C ILE A 34 -4.14 -9.82 -10.10
N ASN A 35 -3.29 -9.53 -9.12
CA ASN A 35 -1.95 -10.10 -9.07
C ASN A 35 -1.88 -11.26 -8.08
N ARG A 36 -3.04 -11.63 -7.54
CA ARG A 36 -3.11 -12.72 -6.57
C ARG A 36 -1.95 -12.66 -5.58
N LYS A 37 -1.80 -11.50 -4.94
CA LYS A 37 -0.73 -11.30 -3.97
C LYS A 37 -1.17 -10.36 -2.85
N THR A 38 -0.37 -10.28 -1.79
CA THR A 38 -0.69 -9.41 -0.66
C THR A 38 0.56 -8.75 -0.11
N GLN A 39 0.41 -7.53 0.39
CA GLN A 39 1.54 -6.78 0.95
C GLN A 39 1.08 -5.88 2.09
N TYR A 40 2.04 -5.19 2.71
CA TYR A 40 1.73 -4.29 3.82
C TYR A 40 1.66 -2.84 3.34
N GLU A 41 2.72 -2.40 2.68
CA GLU A 41 2.78 -1.03 2.18
C GLU A 41 1.62 -0.75 1.22
N ASN A 42 0.70 0.11 1.66
CA ASN A 42 -0.45 0.47 0.84
C ASN A 42 -0.03 0.85 -0.58
N PRO A 43 -0.82 0.41 -1.57
CA PRO A 43 -0.54 0.70 -2.98
C PRO A 43 -0.76 2.17 -3.32
N VAL A 44 -1.84 2.74 -2.81
CA VAL A 44 -2.16 4.14 -3.06
C VAL A 44 -0.99 5.05 -2.68
N LEU A 45 -0.32 4.71 -1.59
CA LEU A 45 0.83 5.50 -1.12
C LEU A 45 2.03 5.30 -2.03
N GLU A 46 2.36 4.04 -2.30
CA GLU A 46 3.49 3.72 -3.17
C GLU A 46 3.47 4.55 -4.45
N ALA A 47 2.36 4.44 -5.18
CA ALA A 47 2.21 5.20 -6.42
C ALA A 47 2.50 6.67 -6.22
N LYS A 48 1.70 7.32 -5.39
CA LYS A 48 1.87 8.74 -5.11
C LYS A 48 3.26 9.01 -4.52
N ARG A 49 3.94 7.95 -4.12
CA ARG A 49 5.28 8.07 -3.54
C ARG A 49 6.34 7.99 -4.62
N LYS A 50 6.12 7.14 -5.61
CA LYS A 50 7.05 6.96 -6.71
C LYS A 50 6.65 7.82 -7.90
N LYS A 51 5.51 8.47 -7.80
CA LYS A 51 5.02 9.32 -8.89
C LYS A 51 5.38 10.78 -8.64
N GLN A 52 5.26 11.22 -7.39
CA GLN A 52 5.59 12.58 -7.02
C GLN A 52 7.03 12.93 -7.38
N LEU A 53 7.91 11.93 -7.30
CA LEU A 53 9.31 12.11 -7.61
C LEU A 53 9.48 12.91 -8.90
N GLU A 54 9.93 14.15 -8.77
CA GLU A 54 10.14 15.02 -9.91
C GLU A 54 11.61 15.39 -10.07
N SER A 55 12.26 15.70 -8.96
CA SER A 55 13.67 16.08 -8.96
C SER A 55 14.28 15.92 -7.57
N GLY A 56 15.55 15.52 -7.53
CA GLY A 56 16.23 15.33 -6.27
C GLY A 56 16.18 16.56 -5.39
N PRO A 57 16.10 16.35 -4.07
CA PRO A 57 16.04 17.44 -3.09
C PRO A 57 17.36 18.20 -3.00
N SER A 58 17.28 19.50 -2.72
CA SER A 58 18.47 20.33 -2.59
C SER A 58 19.08 20.23 -1.21
N SER A 59 20.30 20.73 -1.06
CA SER A 59 21.00 20.69 0.23
C SER A 59 20.03 20.95 1.38
N GLY A 60 19.33 22.07 1.30
CA GLY A 60 18.38 22.42 2.34
C GLY A 60 18.98 23.37 3.38
N GLY A 1 20.08 -8.69 14.16
CA GLY A 1 19.39 -8.20 12.99
C GLY A 1 17.90 -8.54 13.01
N SER A 2 17.09 -7.59 13.48
CA SER A 2 15.66 -7.79 13.55
C SER A 2 14.91 -6.53 13.15
N SER A 3 14.19 -6.61 12.03
CA SER A 3 13.44 -5.47 11.52
C SER A 3 12.03 -5.44 12.12
N GLY A 4 11.40 -4.27 12.08
CA GLY A 4 10.07 -4.12 12.63
C GLY A 4 9.50 -2.74 12.42
N SER A 5 8.26 -2.67 11.94
CA SER A 5 7.60 -1.39 11.68
C SER A 5 6.54 -1.11 12.74
N SER A 6 6.10 0.13 12.81
CA SER A 6 5.08 0.53 13.77
C SER A 6 4.10 1.52 13.14
N GLY A 7 2.84 1.46 13.59
CA GLY A 7 1.82 2.35 13.06
C GLY A 7 0.62 1.61 12.54
N LEU A 8 -0.09 2.22 11.60
CA LEU A 8 -1.28 1.61 11.01
C LEU A 8 -1.77 2.42 9.82
N ASP A 9 -2.10 1.71 8.73
CA ASP A 9 -2.60 2.36 7.52
C ASP A 9 -3.92 1.74 7.08
N SER A 10 -4.57 2.39 6.11
CA SER A 10 -5.84 1.90 5.59
C SER A 10 -5.87 1.97 4.07
N GLU A 11 -6.94 1.44 3.47
CA GLU A 11 -7.08 1.43 2.02
C GLU A 11 -6.51 2.72 1.42
N LEU A 12 -6.83 3.85 2.03
CA LEU A 12 -6.35 5.14 1.55
C LEU A 12 -6.85 5.42 0.14
N GLU A 13 -8.11 5.07 -0.12
CA GLU A 13 -8.70 5.28 -1.43
C GLU A 13 -7.98 4.47 -2.50
N LEU A 14 -7.88 3.16 -2.28
CA LEU A 14 -7.22 2.26 -3.22
C LEU A 14 -7.75 2.46 -4.64
N PRO A 15 -6.91 2.17 -5.63
CA PRO A 15 -7.27 2.31 -7.04
C PRO A 15 -8.30 1.27 -7.47
N ALA A 16 -7.82 0.13 -7.96
CA ALA A 16 -8.69 -0.95 -8.41
C ALA A 16 -8.08 -2.31 -8.13
N GLY A 17 -8.88 -3.23 -7.60
CA GLY A 17 -8.39 -4.56 -7.30
C GLY A 17 -7.71 -4.64 -5.96
N TRP A 18 -8.16 -3.82 -5.01
CA TRP A 18 -7.59 -3.79 -3.67
C TRP A 18 -8.64 -4.06 -2.62
N GLU A 19 -8.34 -4.95 -1.68
CA GLU A 19 -9.27 -5.29 -0.62
C GLU A 19 -8.57 -5.28 0.74
N LYS A 20 -9.00 -4.38 1.62
CA LYS A 20 -8.42 -4.26 2.95
C LYS A 20 -8.96 -5.34 3.88
N ILE A 21 -8.12 -6.31 4.21
CA ILE A 21 -8.51 -7.41 5.10
C ILE A 21 -7.88 -7.25 6.48
N GLU A 22 -8.74 -7.10 7.49
CA GLU A 22 -8.26 -6.95 8.86
C GLU A 22 -8.30 -8.28 9.60
N ASP A 23 -7.14 -8.72 10.08
CA ASP A 23 -7.04 -9.98 10.81
C ASP A 23 -6.44 -9.76 12.20
N PRO A 24 -6.90 -10.56 13.17
CA PRO A 24 -6.43 -10.47 14.56
C PRO A 24 -4.98 -10.95 14.70
N VAL A 25 -4.61 -11.93 13.89
CA VAL A 25 -3.26 -12.48 13.93
C VAL A 25 -2.42 -11.98 12.76
N TYR A 26 -3.00 -12.01 11.57
CA TYR A 26 -2.31 -11.55 10.37
C TYR A 26 -2.27 -10.03 10.31
N GLY A 27 -3.33 -9.40 10.82
CA GLY A 27 -3.40 -7.94 10.82
C GLY A 27 -4.08 -7.40 9.58
N ILE A 28 -4.00 -6.10 9.38
CA ILE A 28 -4.62 -5.45 8.23
C ILE A 28 -3.70 -5.49 7.02
N TYR A 29 -4.14 -6.17 5.97
CA TYR A 29 -3.36 -6.28 4.74
C TYR A 29 -4.26 -6.24 3.51
N TYR A 30 -3.74 -5.68 2.42
CA TYR A 30 -4.49 -5.57 1.18
C TYR A 30 -4.19 -6.73 0.25
N VAL A 31 -5.24 -7.40 -0.22
CA VAL A 31 -5.09 -8.53 -1.12
C VAL A 31 -5.42 -8.15 -2.56
N ASP A 32 -4.59 -8.59 -3.49
CA ASP A 32 -4.80 -8.29 -4.90
C ASP A 32 -5.43 -9.48 -5.62
N HIS A 33 -6.68 -9.29 -6.06
CA HIS A 33 -7.40 -10.34 -6.76
C HIS A 33 -7.10 -10.32 -8.26
N ILE A 34 -6.03 -9.61 -8.62
CA ILE A 34 -5.63 -9.50 -10.02
C ILE A 34 -4.21 -10.01 -10.22
N ASN A 35 -3.34 -9.75 -9.24
CA ASN A 35 -1.95 -10.18 -9.31
C ASN A 35 -1.72 -11.41 -8.45
N ARG A 36 -2.68 -11.70 -7.56
CA ARG A 36 -2.58 -12.85 -6.68
C ARG A 36 -1.41 -12.69 -5.71
N LYS A 37 -1.37 -11.54 -5.04
CA LYS A 37 -0.30 -11.26 -4.08
C LYS A 37 -0.81 -10.36 -2.96
N THR A 38 -0.09 -10.35 -1.84
CA THR A 38 -0.46 -9.54 -0.69
C THR A 38 0.77 -8.95 0.00
N GLN A 39 0.65 -7.70 0.43
CA GLN A 39 1.76 -7.02 1.09
C GLN A 39 1.24 -6.13 2.22
N TYR A 40 2.17 -5.54 2.97
CA TYR A 40 1.82 -4.66 4.08
C TYR A 40 1.79 -3.20 3.63
N GLU A 41 2.85 -2.79 2.95
CA GLU A 41 2.95 -1.42 2.46
C GLU A 41 1.79 -1.08 1.53
N ASN A 42 0.98 -0.10 1.94
CA ASN A 42 -0.18 0.31 1.14
C ASN A 42 0.27 0.75 -0.25
N PRO A 43 -0.53 0.38 -1.26
CA PRO A 43 -0.24 0.73 -2.67
C PRO A 43 -0.43 2.22 -2.94
N VAL A 44 -1.56 2.75 -2.51
CA VAL A 44 -1.87 4.16 -2.70
C VAL A 44 -0.68 5.05 -2.31
N LEU A 45 0.00 4.65 -1.24
CA LEU A 45 1.15 5.40 -0.76
C LEU A 45 2.35 5.23 -1.69
N GLU A 46 2.62 3.98 -2.07
CA GLU A 46 3.73 3.68 -2.97
C GLU A 46 3.61 4.46 -4.27
N ALA A 47 2.54 4.20 -5.02
CA ALA A 47 2.31 4.88 -6.28
C ALA A 47 2.40 6.39 -6.13
N LYS A 48 1.55 6.94 -5.27
CA LYS A 48 1.54 8.39 -5.03
C LYS A 48 2.92 8.86 -4.56
N ARG A 49 3.77 7.92 -4.17
CA ARG A 49 5.11 8.25 -3.71
C ARG A 49 6.11 8.17 -4.86
N LYS A 50 5.92 7.20 -5.74
CA LYS A 50 6.81 7.01 -6.88
C LYS A 50 6.26 7.71 -8.12
N LYS A 51 5.06 8.27 -8.00
CA LYS A 51 4.42 8.97 -9.10
C LYS A 51 4.62 10.48 -8.98
N GLN A 52 4.45 11.00 -7.77
CA GLN A 52 4.61 12.42 -7.52
C GLN A 52 6.02 12.88 -7.89
N LEU A 53 6.96 11.95 -7.90
CA LEU A 53 8.35 12.25 -8.25
C LEU A 53 8.42 13.03 -9.56
N GLU A 54 8.52 14.35 -9.45
CA GLU A 54 8.60 15.20 -10.63
C GLU A 54 10.02 15.71 -10.85
N SER A 55 10.28 16.25 -12.03
CA SER A 55 11.61 16.77 -12.36
C SER A 55 11.54 18.25 -12.71
N GLY A 56 11.40 19.08 -11.69
CA GLY A 56 11.32 20.52 -11.91
C GLY A 56 9.91 20.99 -12.22
N PRO A 57 9.80 22.14 -12.88
CA PRO A 57 8.51 22.72 -13.26
C PRO A 57 7.81 21.92 -14.34
N SER A 58 8.57 21.10 -15.06
CA SER A 58 8.03 20.29 -16.14
C SER A 58 6.73 19.59 -15.69
N SER A 59 5.75 19.57 -16.58
CA SER A 59 4.47 18.93 -16.28
C SER A 59 4.12 17.88 -17.32
N GLY A 60 3.41 16.85 -16.90
CA GLY A 60 3.03 15.78 -17.82
C GLY A 60 4.10 14.72 -17.96
N GLY A 1 7.58 1.26 14.51
CA GLY A 1 8.80 0.46 14.62
C GLY A 1 8.58 -0.99 14.20
N SER A 2 9.61 -1.80 14.37
CA SER A 2 9.52 -3.21 14.00
C SER A 2 8.59 -3.97 14.93
N SER A 3 8.83 -3.83 16.23
CA SER A 3 8.02 -4.50 17.24
C SER A 3 6.58 -3.96 17.22
N GLY A 4 5.67 -4.72 16.63
CA GLY A 4 4.28 -4.30 16.56
C GLY A 4 4.05 -3.24 15.51
N SER A 5 2.81 -2.79 15.39
CA SER A 5 2.46 -1.76 14.41
C SER A 5 1.68 -0.63 15.06
N SER A 6 2.29 0.56 15.11
CA SER A 6 1.65 1.72 15.71
C SER A 6 0.63 2.33 14.76
N GLY A 7 1.07 2.68 13.55
CA GLY A 7 0.18 3.26 12.57
C GLY A 7 -0.83 2.27 12.03
N LEU A 8 -2.08 2.69 11.91
CA LEU A 8 -3.14 1.82 11.41
C LEU A 8 -3.56 2.25 10.01
N ASP A 9 -2.63 2.20 9.06
CA ASP A 9 -2.91 2.58 7.69
C ASP A 9 -4.22 1.97 7.22
N SER A 10 -4.72 2.44 6.07
CA SER A 10 -5.97 1.95 5.51
C SER A 10 -5.93 1.98 3.99
N GLU A 11 -7.02 1.56 3.36
CA GLU A 11 -7.12 1.54 1.90
C GLU A 11 -6.51 2.80 1.30
N LEU A 12 -6.85 3.95 1.88
CA LEU A 12 -6.34 5.23 1.40
C LEU A 12 -6.78 5.50 -0.04
N GLU A 13 -8.03 5.17 -0.34
CA GLU A 13 -8.57 5.36 -1.68
C GLU A 13 -7.83 4.50 -2.70
N LEU A 14 -7.79 3.20 -2.44
CA LEU A 14 -7.11 2.27 -3.33
C LEU A 14 -7.61 2.42 -4.77
N PRO A 15 -6.74 2.09 -5.73
CA PRO A 15 -7.07 2.19 -7.16
C PRO A 15 -8.10 1.14 -7.59
N ALA A 16 -7.62 -0.01 -8.01
CA ALA A 16 -8.51 -1.10 -8.44
C ALA A 16 -7.91 -2.46 -8.12
N GLY A 17 -8.74 -3.35 -7.57
CA GLY A 17 -8.27 -4.67 -7.22
C GLY A 17 -7.62 -4.71 -5.86
N TRP A 18 -8.08 -3.86 -4.95
CA TRP A 18 -7.53 -3.80 -3.60
C TRP A 18 -8.62 -4.02 -2.55
N GLU A 19 -8.34 -4.90 -1.60
CA GLU A 19 -9.30 -5.20 -0.54
C GLU A 19 -8.61 -5.24 0.82
N LYS A 20 -9.07 -4.37 1.73
CA LYS A 20 -8.50 -4.30 3.07
C LYS A 20 -9.04 -5.42 3.94
N ILE A 21 -8.17 -6.38 4.28
CA ILE A 21 -8.56 -7.50 5.11
C ILE A 21 -7.96 -7.39 6.51
N GLU A 22 -8.82 -7.35 7.53
CA GLU A 22 -8.38 -7.24 8.90
C GLU A 22 -8.35 -8.61 9.58
N ASP A 23 -7.15 -9.03 10.00
CA ASP A 23 -6.99 -10.31 10.66
C ASP A 23 -6.41 -10.13 12.06
N PRO A 24 -6.85 -10.99 13.00
CA PRO A 24 -6.40 -10.95 14.39
C PRO A 24 -4.94 -11.39 14.53
N VAL A 25 -4.52 -12.33 13.69
CA VAL A 25 -3.16 -12.83 13.73
C VAL A 25 -2.32 -12.25 12.60
N TYR A 26 -2.91 -12.21 11.41
CA TYR A 26 -2.21 -11.67 10.24
C TYR A 26 -2.24 -10.15 10.25
N GLY A 27 -3.30 -9.59 10.82
CA GLY A 27 -3.43 -8.13 10.87
C GLY A 27 -4.15 -7.56 9.68
N ILE A 28 -4.01 -6.26 9.46
CA ILE A 28 -4.66 -5.59 8.35
C ILE A 28 -3.74 -5.56 7.12
N TYR A 29 -4.19 -6.20 6.04
CA TYR A 29 -3.41 -6.25 4.81
C TYR A 29 -4.32 -6.17 3.59
N TYR A 30 -3.78 -5.65 2.49
CA TYR A 30 -4.54 -5.53 1.26
C TYR A 30 -4.22 -6.65 0.29
N VAL A 31 -5.25 -7.33 -0.20
CA VAL A 31 -5.08 -8.44 -1.13
C VAL A 31 -5.47 -8.02 -2.54
N ASP A 32 -4.68 -8.45 -3.52
CA ASP A 32 -4.94 -8.12 -4.91
C ASP A 32 -5.61 -9.30 -5.63
N HIS A 33 -6.85 -9.10 -6.05
CA HIS A 33 -7.61 -10.14 -6.73
C HIS A 33 -7.22 -10.21 -8.20
N ILE A 34 -6.14 -9.51 -8.56
CA ILE A 34 -5.66 -9.49 -9.94
C ILE A 34 -4.21 -9.96 -10.02
N ASN A 35 -3.41 -9.56 -9.05
CA ASN A 35 -2.00 -9.94 -9.00
C ASN A 35 -1.78 -11.10 -8.03
N ARG A 36 -2.84 -11.52 -7.37
CA ARG A 36 -2.77 -12.62 -6.41
C ARG A 36 -1.57 -12.44 -5.48
N LYS A 37 -1.51 -11.29 -4.82
CA LYS A 37 -0.43 -10.99 -3.90
C LYS A 37 -0.91 -10.11 -2.75
N THR A 38 -0.13 -10.07 -1.67
CA THR A 38 -0.48 -9.28 -0.50
C THR A 38 0.77 -8.68 0.15
N GLN A 39 0.62 -7.47 0.69
CA GLN A 39 1.73 -6.80 1.35
C GLN A 39 1.24 -5.87 2.45
N TYR A 40 2.16 -5.31 3.21
CA TYR A 40 1.82 -4.41 4.31
C TYR A 40 1.78 -2.96 3.83
N GLU A 41 2.86 -2.53 3.19
CA GLU A 41 2.95 -1.16 2.69
C GLU A 41 1.81 -0.87 1.72
N ASN A 42 0.96 0.09 2.09
CA ASN A 42 -0.17 0.47 1.25
C ASN A 42 0.29 0.82 -0.16
N PRO A 43 -0.48 0.40 -1.16
CA PRO A 43 -0.18 0.67 -2.57
C PRO A 43 -0.34 2.14 -2.93
N VAL A 44 -1.49 2.71 -2.55
CA VAL A 44 -1.77 4.12 -2.83
C VAL A 44 -0.58 5.00 -2.46
N LEU A 45 0.04 4.72 -1.31
CA LEU A 45 1.19 5.49 -0.86
C LEU A 45 2.39 5.27 -1.77
N GLU A 46 2.65 4.02 -2.13
CA GLU A 46 3.76 3.68 -3.00
C GLU A 46 3.64 4.40 -4.34
N ALA A 47 2.64 4.02 -5.11
CA ALA A 47 2.40 4.64 -6.42
C ALA A 47 2.45 6.16 -6.33
N LYS A 48 1.62 6.71 -5.46
CA LYS A 48 1.56 8.17 -5.28
C LYS A 48 2.92 8.70 -4.85
N ARG A 49 3.76 7.83 -4.31
CA ARG A 49 5.09 8.22 -3.87
C ARG A 49 6.09 8.16 -5.02
N LYS A 50 5.93 7.18 -5.89
CA LYS A 50 6.82 7.00 -7.03
C LYS A 50 6.31 7.79 -8.23
N LYS A 51 5.07 8.27 -8.16
CA LYS A 51 4.47 9.04 -9.24
C LYS A 51 4.65 10.53 -9.01
N GLN A 52 4.48 10.96 -7.76
CA GLN A 52 4.62 12.36 -7.40
C GLN A 52 5.96 12.91 -7.90
N LEU A 53 6.97 12.05 -7.95
CA LEU A 53 8.30 12.45 -8.42
C LEU A 53 8.25 12.90 -9.87
N GLU A 54 8.51 14.17 -10.10
CA GLU A 54 8.51 14.72 -11.46
C GLU A 54 9.76 14.30 -12.22
N SER A 55 9.56 13.59 -13.33
CA SER A 55 10.67 13.12 -14.15
C SER A 55 10.79 13.94 -15.43
N GLY A 56 11.93 13.82 -16.10
CA GLY A 56 12.15 14.56 -17.33
C GLY A 56 12.78 15.92 -17.09
N PRO A 57 12.77 16.77 -18.12
CA PRO A 57 13.35 18.11 -18.05
C PRO A 57 12.53 19.04 -17.16
N SER A 58 11.28 18.67 -16.91
CA SER A 58 10.39 19.47 -16.07
C SER A 58 11.12 19.96 -14.83
N SER A 59 10.89 21.21 -14.46
CA SER A 59 11.53 21.79 -13.29
C SER A 59 10.51 22.01 -12.16
N GLY A 60 10.99 22.02 -10.93
CA GLY A 60 10.11 22.21 -9.79
C GLY A 60 9.34 20.95 -9.43
N GLY A 1 17.00 -0.92 19.79
CA GLY A 1 17.56 -1.75 18.75
C GLY A 1 16.70 -1.76 17.50
N SER A 2 15.53 -2.40 17.60
CA SER A 2 14.61 -2.49 16.47
C SER A 2 13.89 -1.16 16.26
N SER A 3 13.62 -0.84 15.00
CA SER A 3 12.93 0.40 14.64
C SER A 3 11.56 0.46 15.30
N GLY A 4 10.93 1.64 15.25
CA GLY A 4 9.62 1.81 15.84
C GLY A 4 8.63 2.45 14.89
N SER A 5 8.57 3.78 14.91
CA SER A 5 7.65 4.51 14.04
C SER A 5 6.29 3.81 13.97
N SER A 6 5.83 3.31 15.11
CA SER A 6 4.55 2.62 15.18
C SER A 6 3.43 3.50 14.64
N GLY A 7 2.83 3.07 13.53
CA GLY A 7 1.75 3.83 12.93
C GLY A 7 0.67 2.94 12.35
N LEU A 8 -0.41 3.56 11.87
CA LEU A 8 -1.52 2.81 11.29
C LEU A 8 -1.65 3.11 9.80
N ASP A 9 -2.40 2.27 9.10
CA ASP A 9 -2.62 2.44 7.67
C ASP A 9 -3.95 1.84 7.24
N SER A 10 -4.43 2.24 6.06
CA SER A 10 -5.69 1.75 5.54
C SER A 10 -5.71 1.81 4.01
N GLU A 11 -6.79 1.30 3.42
CA GLU A 11 -6.93 1.30 1.96
C GLU A 11 -6.33 2.57 1.37
N LEU A 12 -6.65 3.72 1.96
CA LEU A 12 -6.15 5.00 1.49
C LEU A 12 -6.63 5.27 0.06
N GLU A 13 -7.89 4.94 -0.20
CA GLU A 13 -8.47 5.16 -1.52
C GLU A 13 -7.75 4.32 -2.57
N LEU A 14 -7.69 3.02 -2.34
CA LEU A 14 -7.03 2.10 -3.26
C LEU A 14 -7.55 2.30 -4.68
N PRO A 15 -6.70 1.98 -5.67
CA PRO A 15 -7.06 2.12 -7.09
C PRO A 15 -8.10 1.11 -7.54
N ALA A 16 -7.63 -0.05 -8.00
CA ALA A 16 -8.53 -1.11 -8.45
C ALA A 16 -7.94 -2.48 -8.17
N GLY A 17 -8.77 -3.38 -7.64
CA GLY A 17 -8.31 -4.72 -7.32
C GLY A 17 -7.63 -4.81 -5.98
N TRP A 18 -8.08 -3.97 -5.04
CA TRP A 18 -7.50 -3.95 -3.70
C TRP A 18 -8.57 -4.20 -2.64
N GLU A 19 -8.26 -5.09 -1.69
CA GLU A 19 -9.20 -5.41 -0.63
C GLU A 19 -8.51 -5.39 0.73
N LYS A 20 -8.96 -4.50 1.61
CA LYS A 20 -8.39 -4.37 2.94
C LYS A 20 -8.95 -5.44 3.88
N ILE A 21 -8.11 -6.42 4.23
CA ILE A 21 -8.52 -7.49 5.12
C ILE A 21 -7.93 -7.31 6.51
N GLU A 22 -8.81 -7.18 7.50
CA GLU A 22 -8.37 -7.00 8.88
C GLU A 22 -8.40 -8.33 9.64
N ASP A 23 -7.23 -8.77 10.10
CA ASP A 23 -7.12 -10.02 10.84
C ASP A 23 -6.53 -9.79 12.22
N PRO A 24 -6.98 -10.57 13.21
CA PRO A 24 -6.51 -10.46 14.59
C PRO A 24 -5.08 -10.94 14.75
N VAL A 25 -4.70 -11.95 13.96
CA VAL A 25 -3.35 -12.50 14.02
C VAL A 25 -2.51 -12.00 12.85
N TYR A 26 -3.09 -12.03 11.65
CA TYR A 26 -2.39 -11.58 10.45
C TYR A 26 -2.36 -10.06 10.38
N GLY A 27 -3.38 -9.43 10.95
CA GLY A 27 -3.45 -7.97 10.93
C GLY A 27 -4.15 -7.44 9.70
N ILE A 28 -3.97 -6.15 9.43
CA ILE A 28 -4.59 -5.52 8.28
C ILE A 28 -3.67 -5.57 7.07
N TYR A 29 -4.13 -6.24 6.02
CA TYR A 29 -3.35 -6.36 4.79
C TYR A 29 -4.24 -6.28 3.56
N TYR A 30 -3.69 -5.78 2.46
CA TYR A 30 -4.43 -5.64 1.22
C TYR A 30 -4.14 -6.80 0.28
N VAL A 31 -5.20 -7.41 -0.26
CA VAL A 31 -5.06 -8.53 -1.17
C VAL A 31 -5.49 -8.14 -2.59
N ASP A 32 -4.73 -8.59 -3.57
CA ASP A 32 -5.04 -8.30 -4.97
C ASP A 32 -5.73 -9.48 -5.64
N HIS A 33 -6.92 -9.22 -6.19
CA HIS A 33 -7.68 -10.27 -6.86
C HIS A 33 -7.36 -10.30 -8.35
N ILE A 34 -6.28 -9.65 -8.73
CA ILE A 34 -5.86 -9.62 -10.13
C ILE A 34 -4.44 -10.16 -10.29
N ASN A 35 -3.61 -9.94 -9.28
CA ASN A 35 -2.23 -10.41 -9.32
C ASN A 35 -1.94 -11.35 -8.15
N ARG A 36 -2.97 -11.60 -7.34
CA ARG A 36 -2.83 -12.48 -6.19
C ARG A 36 -1.63 -12.07 -5.33
N LYS A 37 -1.58 -10.80 -4.96
CA LYS A 37 -0.49 -10.28 -4.15
C LYS A 37 -1.01 -9.75 -2.81
N THR A 38 -0.21 -9.92 -1.76
CA THR A 38 -0.59 -9.46 -0.43
C THR A 38 0.62 -8.96 0.34
N GLN A 39 0.62 -7.67 0.66
CA GLN A 39 1.73 -7.06 1.39
C GLN A 39 1.21 -6.04 2.40
N TYR A 40 2.09 -5.59 3.29
CA TYR A 40 1.71 -4.61 4.31
C TYR A 40 1.74 -3.19 3.74
N GLU A 41 2.85 -2.84 3.11
CA GLU A 41 3.00 -1.51 2.52
C GLU A 41 1.84 -1.20 1.58
N ASN A 42 1.08 -0.15 1.89
CA ASN A 42 -0.06 0.25 1.08
C ASN A 42 0.39 0.63 -0.33
N PRO A 43 -0.40 0.24 -1.33
CA PRO A 43 -0.10 0.53 -2.73
C PRO A 43 -0.27 2.00 -3.07
N VAL A 44 -1.39 2.58 -2.65
CA VAL A 44 -1.67 3.99 -2.90
C VAL A 44 -0.48 4.86 -2.53
N LEU A 45 0.16 4.55 -1.41
CA LEU A 45 1.31 5.30 -0.94
C LEU A 45 2.47 5.19 -1.93
N GLU A 46 2.76 3.96 -2.36
CA GLU A 46 3.84 3.72 -3.31
C GLU A 46 3.63 4.53 -4.58
N ALA A 47 2.55 4.25 -5.30
CA ALA A 47 2.24 4.96 -6.53
C ALA A 47 2.34 6.46 -6.34
N LYS A 48 1.62 6.99 -5.36
CA LYS A 48 1.64 8.42 -5.08
C LYS A 48 3.03 8.88 -4.65
N ARG A 49 3.88 7.91 -4.29
CA ARG A 49 5.23 8.21 -3.87
C ARG A 49 6.19 8.22 -5.05
N LYS A 50 5.93 7.34 -6.01
CA LYS A 50 6.77 7.24 -7.20
C LYS A 50 6.21 8.08 -8.34
N LYS A 51 5.04 8.67 -8.11
CA LYS A 51 4.39 9.51 -9.12
C LYS A 51 4.59 10.99 -8.79
N GLN A 52 4.32 11.36 -7.55
CA GLN A 52 4.48 12.75 -7.12
C GLN A 52 5.88 13.26 -7.41
N LEU A 53 6.79 12.34 -7.69
CA LEU A 53 8.18 12.69 -7.99
C LEU A 53 8.32 13.14 -9.43
N GLU A 54 8.32 14.45 -9.64
CA GLU A 54 8.46 15.01 -10.98
C GLU A 54 9.77 14.57 -11.63
N SER A 55 9.80 14.55 -12.95
CA SER A 55 11.00 14.15 -13.69
C SER A 55 11.24 15.07 -14.87
N GLY A 56 12.46 15.58 -14.99
CA GLY A 56 12.80 16.47 -16.08
C GLY A 56 12.00 17.76 -16.05
N PRO A 57 12.14 18.57 -17.11
CA PRO A 57 11.43 19.85 -17.22
C PRO A 57 9.94 19.67 -17.44
N SER A 58 9.55 18.51 -17.94
CA SER A 58 8.14 18.21 -18.20
C SER A 58 7.50 17.55 -16.98
N SER A 59 6.22 17.83 -16.78
CA SER A 59 5.49 17.25 -15.65
C SER A 59 4.01 17.62 -15.72
N GLY A 60 3.15 16.61 -15.78
CA GLY A 60 1.72 16.86 -15.84
C GLY A 60 1.21 16.89 -17.27
N GLY A 1 11.85 -3.16 18.84
CA GLY A 1 11.36 -2.46 17.67
C GLY A 1 10.75 -3.41 16.65
N SER A 2 11.17 -3.28 15.39
CA SER A 2 10.66 -4.13 14.32
C SER A 2 9.14 -4.30 14.45
N SER A 3 8.46 -3.21 14.76
CA SER A 3 7.01 -3.25 14.92
C SER A 3 6.33 -2.47 13.80
N GLY A 4 6.74 -1.22 13.62
CA GLY A 4 6.16 -0.39 12.58
C GLY A 4 5.99 1.06 13.01
N SER A 5 6.12 1.98 12.06
CA SER A 5 5.99 3.40 12.35
C SER A 5 4.84 3.65 13.33
N SER A 6 4.85 4.83 13.94
CA SER A 6 3.81 5.20 14.91
C SER A 6 2.53 5.61 14.18
N GLY A 7 1.57 4.70 14.14
CA GLY A 7 0.30 4.99 13.48
C GLY A 7 -0.28 3.77 12.78
N LEU A 8 -1.41 3.96 12.10
CA LEU A 8 -2.06 2.88 11.39
C LEU A 8 -2.24 3.21 9.91
N ASP A 9 -2.64 2.21 9.13
CA ASP A 9 -2.84 2.41 7.70
C ASP A 9 -4.17 1.80 7.25
N SER A 10 -4.55 2.07 6.01
CA SER A 10 -5.79 1.54 5.46
C SER A 10 -5.81 1.66 3.94
N GLU A 11 -6.87 1.15 3.32
CA GLU A 11 -7.00 1.19 1.87
C GLU A 11 -6.43 2.49 1.32
N LEU A 12 -6.82 3.61 1.92
CA LEU A 12 -6.35 4.92 1.49
C LEU A 12 -6.79 5.20 0.05
N GLU A 13 -8.03 4.86 -0.26
CA GLU A 13 -8.57 5.09 -1.60
C GLU A 13 -7.82 4.26 -2.64
N LEU A 14 -7.72 2.96 -2.39
CA LEU A 14 -7.02 2.05 -3.30
C LEU A 14 -7.52 2.25 -4.73
N PRO A 15 -6.65 1.95 -5.71
CA PRO A 15 -6.97 2.08 -7.13
C PRO A 15 -7.97 1.03 -7.59
N ALA A 16 -7.48 -0.11 -8.05
CA ALA A 16 -8.34 -1.19 -8.52
C ALA A 16 -7.72 -2.55 -8.21
N GLY A 17 -8.54 -3.47 -7.70
CA GLY A 17 -8.06 -4.80 -7.38
C GLY A 17 -7.42 -4.86 -6.01
N TRP A 18 -7.90 -4.04 -5.09
CA TRP A 18 -7.36 -4.00 -3.74
C TRP A 18 -8.46 -4.26 -2.71
N GLU A 19 -8.17 -5.15 -1.75
CA GLU A 19 -9.14 -5.48 -0.72
C GLU A 19 -8.47 -5.48 0.66
N LYS A 20 -8.90 -4.56 1.52
CA LYS A 20 -8.36 -4.46 2.86
C LYS A 20 -8.93 -5.54 3.77
N ILE A 21 -8.06 -6.43 4.24
CA ILE A 21 -8.49 -7.51 5.12
C ILE A 21 -7.93 -7.33 6.53
N GLU A 22 -8.81 -7.26 7.52
CA GLU A 22 -8.40 -7.09 8.90
C GLU A 22 -8.38 -8.42 9.64
N ASP A 23 -7.20 -8.81 10.10
CA ASP A 23 -7.03 -10.07 10.81
C ASP A 23 -6.46 -9.84 12.21
N PRO A 24 -6.90 -10.65 13.18
CA PRO A 24 -6.44 -10.56 14.57
C PRO A 24 -4.99 -10.98 14.73
N VAL A 25 -4.55 -11.93 13.91
CA VAL A 25 -3.18 -12.42 13.97
C VAL A 25 -2.35 -11.85 12.83
N TYR A 26 -2.90 -11.87 11.63
CA TYR A 26 -2.21 -11.37 10.45
C TYR A 26 -2.26 -9.84 10.42
N GLY A 27 -3.34 -9.28 10.94
CA GLY A 27 -3.49 -7.84 10.96
C GLY A 27 -4.20 -7.31 9.73
N ILE A 28 -4.08 -6.00 9.48
CA ILE A 28 -4.71 -5.38 8.34
C ILE A 28 -3.78 -5.38 7.12
N TYR A 29 -4.19 -6.08 6.08
CA TYR A 29 -3.39 -6.16 4.85
C TYR A 29 -4.29 -6.17 3.61
N TYR A 30 -3.81 -5.55 2.54
CA TYR A 30 -4.56 -5.48 1.30
C TYR A 30 -4.20 -6.64 0.37
N VAL A 31 -5.22 -7.28 -0.18
CA VAL A 31 -5.01 -8.41 -1.08
C VAL A 31 -5.42 -8.06 -2.50
N ASP A 32 -4.70 -8.62 -3.48
CA ASP A 32 -4.99 -8.36 -4.88
C ASP A 32 -5.79 -9.51 -5.49
N HIS A 33 -7.02 -9.20 -5.91
CA HIS A 33 -7.89 -10.21 -6.51
C HIS A 33 -7.59 -10.36 -8.00
N ILE A 34 -6.52 -9.73 -8.45
CA ILE A 34 -6.13 -9.80 -9.86
C ILE A 34 -4.73 -10.37 -10.02
N ASN A 35 -3.81 -9.92 -9.16
CA ASN A 35 -2.43 -10.40 -9.19
C ASN A 35 -2.23 -11.56 -8.24
N ARG A 36 -3.23 -11.83 -7.41
CA ARG A 36 -3.17 -12.91 -6.43
C ARG A 36 -1.95 -12.76 -5.53
N LYS A 37 -1.78 -11.57 -4.97
CA LYS A 37 -0.67 -11.28 -4.09
C LYS A 37 -1.08 -10.34 -2.96
N THR A 38 -0.28 -10.28 -1.91
CA THR A 38 -0.57 -9.42 -0.77
C THR A 38 0.70 -8.81 -0.21
N GLN A 39 0.58 -7.62 0.38
CA GLN A 39 1.73 -6.92 0.96
C GLN A 39 1.29 -6.06 2.14
N TYR A 40 2.27 -5.42 2.78
CA TYR A 40 1.99 -4.57 3.93
C TYR A 40 1.94 -3.10 3.51
N GLU A 41 2.98 -2.65 2.82
CA GLU A 41 3.06 -1.26 2.36
C GLU A 41 1.90 -0.94 1.42
N ASN A 42 1.05 -0.02 1.83
CA ASN A 42 -0.10 0.38 1.03
C ASN A 42 0.34 0.83 -0.36
N PRO A 43 -0.44 0.44 -1.39
CA PRO A 43 -0.15 0.79 -2.78
C PRO A 43 -0.36 2.27 -3.06
N VAL A 44 -1.51 2.80 -2.64
CA VAL A 44 -1.82 4.21 -2.85
C VAL A 44 -0.66 5.09 -2.44
N LEU A 45 0.00 4.74 -1.35
CA LEU A 45 1.14 5.51 -0.86
C LEU A 45 2.34 5.37 -1.79
N GLU A 46 2.63 4.13 -2.18
CA GLU A 46 3.76 3.86 -3.07
C GLU A 46 3.60 4.62 -4.39
N ALA A 47 2.59 4.23 -5.16
CA ALA A 47 2.33 4.88 -6.45
C ALA A 47 2.39 6.39 -6.33
N LYS A 48 1.65 6.93 -5.36
CA LYS A 48 1.61 8.37 -5.13
C LYS A 48 2.97 8.88 -4.64
N ARG A 49 3.80 7.96 -4.16
CA ARG A 49 5.12 8.31 -3.66
C ARG A 49 6.15 8.32 -4.79
N LYS A 50 5.93 7.46 -5.79
CA LYS A 50 6.83 7.37 -6.93
C LYS A 50 6.36 8.27 -8.07
N LYS A 51 5.10 8.69 -8.00
CA LYS A 51 4.53 9.56 -9.02
C LYS A 51 4.74 11.03 -8.67
N GLN A 52 4.70 11.33 -7.38
CA GLN A 52 4.88 12.70 -6.91
C GLN A 52 6.21 13.27 -7.39
N LEU A 53 7.19 12.39 -7.57
CA LEU A 53 8.51 12.81 -8.03
C LEU A 53 8.44 13.43 -9.42
N GLU A 54 8.52 14.75 -9.49
CA GLU A 54 8.46 15.47 -10.76
C GLU A 54 9.36 14.80 -11.79
N SER A 55 8.89 14.79 -13.04
CA SER A 55 9.65 14.17 -14.13
C SER A 55 9.55 15.02 -15.40
N GLY A 56 10.71 15.34 -15.97
CA GLY A 56 10.74 16.14 -17.17
C GLY A 56 11.13 15.34 -18.40
N PRO A 57 11.62 16.03 -19.43
CA PRO A 57 12.05 15.40 -20.69
C PRO A 57 13.32 14.57 -20.51
N SER A 58 13.82 14.51 -19.28
CA SER A 58 15.03 13.77 -18.98
C SER A 58 14.73 12.27 -18.85
N SER A 59 15.45 11.47 -19.63
CA SER A 59 15.26 10.02 -19.61
C SER A 59 13.78 9.66 -19.66
N GLY A 60 13.08 10.21 -20.65
CA GLY A 60 11.66 9.94 -20.79
C GLY A 60 10.87 11.17 -21.19
N GLY A 1 17.72 -6.11 10.41
CA GLY A 1 16.52 -5.30 10.46
C GLY A 1 16.52 -4.31 11.60
N SER A 2 16.25 -3.05 11.30
CA SER A 2 16.24 -2.00 12.32
C SER A 2 14.81 -1.77 12.83
N SER A 3 14.71 -1.05 13.94
CA SER A 3 13.41 -0.76 14.55
C SER A 3 12.51 -0.04 13.54
N GLY A 4 11.28 -0.54 13.41
CA GLY A 4 10.34 0.07 12.49
C GLY A 4 9.50 1.15 13.14
N SER A 5 8.42 1.55 12.47
CA SER A 5 7.55 2.60 12.99
C SER A 5 6.09 2.24 12.75
N SER A 6 5.32 2.13 13.83
CA SER A 6 3.90 1.80 13.74
C SER A 6 3.04 3.06 13.72
N GLY A 7 1.78 2.90 13.36
CA GLY A 7 0.87 4.03 13.31
C GLY A 7 -0.51 3.66 12.79
N LEU A 8 -0.93 4.31 11.72
CA LEU A 8 -2.24 4.04 11.13
C LEU A 8 -2.12 3.83 9.62
N ASP A 9 -3.01 3.01 9.07
CA ASP A 9 -3.01 2.73 7.64
C ASP A 9 -4.34 2.14 7.20
N SER A 10 -4.67 2.32 5.93
CA SER A 10 -5.93 1.80 5.38
C SER A 10 -5.92 1.85 3.86
N GLU A 11 -7.00 1.38 3.25
CA GLU A 11 -7.12 1.37 1.80
C GLU A 11 -6.54 2.65 1.20
N LEU A 12 -6.90 3.79 1.78
CA LEU A 12 -6.42 5.07 1.30
C LEU A 12 -6.88 5.33 -0.13
N GLU A 13 -8.12 4.98 -0.42
CA GLU A 13 -8.67 5.17 -1.76
C GLU A 13 -7.92 4.33 -2.78
N LEU A 14 -7.83 3.03 -2.53
CA LEU A 14 -7.13 2.12 -3.43
C LEU A 14 -7.62 2.29 -4.86
N PRO A 15 -6.76 1.98 -5.82
CA PRO A 15 -7.08 2.09 -7.26
C PRO A 15 -8.09 1.03 -7.70
N ALA A 16 -7.59 -0.11 -8.14
CA ALA A 16 -8.45 -1.20 -8.60
C ALA A 16 -7.84 -2.56 -8.27
N GLY A 17 -8.66 -3.46 -7.76
CA GLY A 17 -8.19 -4.78 -7.42
C GLY A 17 -7.54 -4.84 -6.05
N TRP A 18 -8.02 -3.99 -5.13
CA TRP A 18 -7.48 -3.94 -3.78
C TRP A 18 -8.58 -4.18 -2.75
N GLU A 19 -8.31 -5.05 -1.79
CA GLU A 19 -9.27 -5.37 -0.74
C GLU A 19 -8.59 -5.40 0.62
N LYS A 20 -9.08 -4.57 1.53
CA LYS A 20 -8.53 -4.49 2.88
C LYS A 20 -9.04 -5.65 3.74
N ILE A 21 -8.12 -6.41 4.30
CA ILE A 21 -8.48 -7.55 5.15
C ILE A 21 -7.86 -7.41 6.55
N GLU A 22 -8.73 -7.35 7.56
CA GLU A 22 -8.26 -7.22 8.94
C GLU A 22 -8.24 -8.57 9.63
N ASP A 23 -7.05 -9.00 10.06
CA ASP A 23 -6.89 -10.28 10.74
C ASP A 23 -6.28 -10.08 12.12
N PRO A 24 -6.71 -10.92 13.08
CA PRO A 24 -6.23 -10.87 14.45
C PRO A 24 -4.77 -11.31 14.58
N VAL A 25 -4.38 -12.27 13.74
CA VAL A 25 -3.01 -12.78 13.75
C VAL A 25 -2.20 -12.21 12.60
N TYR A 26 -2.80 -12.19 11.41
CA TYR A 26 -2.13 -11.68 10.23
C TYR A 26 -2.14 -10.15 10.22
N GLY A 27 -3.18 -9.57 10.81
CA GLY A 27 -3.30 -8.13 10.85
C GLY A 27 -4.04 -7.56 9.66
N ILE A 28 -3.88 -6.27 9.43
CA ILE A 28 -4.54 -5.60 8.31
C ILE A 28 -3.65 -5.59 7.08
N TYR A 29 -4.12 -6.23 6.01
CA TYR A 29 -3.36 -6.31 4.77
C TYR A 29 -4.29 -6.22 3.56
N TYR A 30 -3.76 -5.71 2.45
CA TYR A 30 -4.55 -5.57 1.23
C TYR A 30 -4.23 -6.70 0.25
N VAL A 31 -5.26 -7.43 -0.16
CA VAL A 31 -5.09 -8.53 -1.10
C VAL A 31 -5.54 -8.13 -2.50
N ASP A 32 -4.78 -8.56 -3.50
CA ASP A 32 -5.10 -8.25 -4.89
C ASP A 32 -5.78 -9.44 -5.56
N HIS A 33 -7.10 -9.33 -5.75
CA HIS A 33 -7.88 -10.39 -6.37
C HIS A 33 -7.47 -10.55 -7.84
N ILE A 34 -6.63 -9.66 -8.33
CA ILE A 34 -6.16 -9.71 -9.70
C ILE A 34 -4.67 -10.02 -9.77
N ASN A 35 -3.88 -9.27 -9.02
CA ASN A 35 -2.44 -9.46 -9.00
C ASN A 35 -2.07 -10.66 -8.13
N ARG A 36 -2.95 -10.99 -7.18
CA ARG A 36 -2.72 -12.12 -6.28
C ARG A 36 -1.53 -11.84 -5.36
N LYS A 37 -1.40 -10.60 -4.92
CA LYS A 37 -0.31 -10.21 -4.04
C LYS A 37 -0.85 -9.53 -2.77
N THR A 38 -0.09 -9.65 -1.68
CA THR A 38 -0.49 -9.07 -0.41
C THR A 38 0.72 -8.51 0.34
N GLN A 39 0.63 -7.25 0.75
CA GLN A 39 1.71 -6.61 1.48
C GLN A 39 1.17 -5.57 2.46
N TYR A 40 1.97 -5.26 3.47
CA TYR A 40 1.57 -4.28 4.48
C TYR A 40 1.57 -2.87 3.90
N GLU A 41 2.66 -2.51 3.23
CA GLU A 41 2.79 -1.19 2.63
C GLU A 41 1.65 -0.92 1.65
N ASN A 42 0.85 0.09 1.96
CA ASN A 42 -0.29 0.46 1.11
C ASN A 42 0.19 0.83 -0.30
N PRO A 43 -0.57 0.40 -1.31
CA PRO A 43 -0.26 0.68 -2.71
C PRO A 43 -0.45 2.16 -3.07
N VAL A 44 -1.55 2.73 -2.59
CA VAL A 44 -1.84 4.14 -2.85
C VAL A 44 -0.68 5.03 -2.45
N LEU A 45 -0.02 4.68 -1.35
CA LEU A 45 1.12 5.45 -0.86
C LEU A 45 2.33 5.25 -1.75
N GLU A 46 2.62 4.01 -2.09
CA GLU A 46 3.76 3.69 -2.94
C GLU A 46 3.67 4.41 -4.28
N ALA A 47 2.63 4.09 -5.05
CA ALA A 47 2.41 4.71 -6.34
C ALA A 47 2.48 6.23 -6.25
N LYS A 48 1.66 6.81 -5.38
CA LYS A 48 1.64 8.25 -5.19
C LYS A 48 2.98 8.76 -4.70
N ARG A 49 3.83 7.84 -4.23
CA ARG A 49 5.14 8.20 -3.74
C ARG A 49 6.19 8.13 -4.86
N LYS A 50 6.03 7.16 -5.74
CA LYS A 50 6.95 6.97 -6.85
C LYS A 50 6.45 7.72 -8.09
N LYS A 51 5.25 8.26 -8.01
CA LYS A 51 4.65 9.00 -9.11
C LYS A 51 4.89 10.49 -8.97
N GLN A 52 4.68 11.00 -7.76
CA GLN A 52 4.86 12.42 -7.48
C GLN A 52 6.25 12.88 -7.92
N LEU A 53 7.22 11.98 -7.85
CA LEU A 53 8.59 12.29 -8.24
C LEU A 53 8.62 12.93 -9.63
N GLU A 54 8.90 14.23 -9.67
CA GLU A 54 8.97 14.95 -10.92
C GLU A 54 10.34 14.81 -11.57
N SER A 55 10.53 13.72 -12.30
CA SER A 55 11.81 13.46 -12.96
C SER A 55 11.69 13.70 -14.47
N GLY A 56 12.84 13.78 -15.13
CA GLY A 56 12.85 14.00 -16.57
C GLY A 56 12.53 12.75 -17.36
N PRO A 57 11.85 12.93 -18.50
CA PRO A 57 11.46 11.80 -19.36
C PRO A 57 12.65 11.17 -20.06
N SER A 58 12.58 9.86 -20.29
CA SER A 58 13.66 9.13 -20.95
C SER A 58 13.19 8.54 -22.27
N SER A 59 14.12 8.37 -23.21
CA SER A 59 13.80 7.81 -24.52
C SER A 59 13.57 6.31 -24.43
N GLY A 60 12.39 5.88 -24.85
CA GLY A 60 12.06 4.47 -24.81
C GLY A 60 11.95 3.93 -23.40
N GLY A 1 15.31 -10.00 16.75
CA GLY A 1 14.57 -9.14 15.85
C GLY A 1 13.10 -9.08 16.19
N SER A 2 12.80 -8.84 17.47
CA SER A 2 11.42 -8.76 17.92
C SER A 2 10.66 -7.67 17.16
N SER A 3 9.46 -8.01 16.70
CA SER A 3 8.63 -7.06 15.95
C SER A 3 7.19 -7.56 15.86
N GLY A 4 6.25 -6.64 16.01
CA GLY A 4 4.84 -7.00 15.93
C GLY A 4 3.93 -5.83 16.19
N SER A 5 4.01 -4.82 15.32
CA SER A 5 3.18 -3.62 15.45
C SER A 5 1.91 -3.74 14.62
N SER A 6 0.82 -3.15 15.11
CA SER A 6 -0.45 -3.20 14.41
C SER A 6 -0.43 -2.28 13.19
N GLY A 7 -1.19 -2.64 12.16
CA GLY A 7 -1.24 -1.84 10.95
C GLY A 7 -1.65 -0.41 11.23
N LEU A 8 -0.92 0.53 10.63
CA LEU A 8 -1.20 1.95 10.83
C LEU A 8 -1.59 2.61 9.50
N ASP A 9 -2.16 1.82 8.60
CA ASP A 9 -2.59 2.32 7.31
C ASP A 9 -3.93 1.74 6.91
N SER A 10 -4.50 2.25 5.82
CA SER A 10 -5.79 1.78 5.33
C SER A 10 -5.85 1.84 3.81
N GLU A 11 -6.95 1.36 3.24
CA GLU A 11 -7.14 1.35 1.80
C GLU A 11 -6.54 2.62 1.17
N LEU A 12 -6.89 3.76 1.74
CA LEU A 12 -6.40 5.05 1.25
C LEU A 12 -6.88 5.29 -0.18
N GLU A 13 -8.13 4.95 -0.44
CA GLU A 13 -8.71 5.14 -1.77
C GLU A 13 -7.99 4.27 -2.81
N LEU A 14 -7.93 2.97 -2.53
CA LEU A 14 -7.27 2.04 -3.43
C LEU A 14 -7.80 2.19 -4.85
N PRO A 15 -6.96 1.85 -5.84
CA PRO A 15 -7.32 1.94 -7.26
C PRO A 15 -8.36 0.90 -7.66
N ALA A 16 -7.89 -0.26 -8.09
CA ALA A 16 -8.78 -1.34 -8.50
C ALA A 16 -8.18 -2.70 -8.18
N GLY A 17 -8.98 -3.59 -7.62
CA GLY A 17 -8.51 -4.91 -7.26
C GLY A 17 -7.82 -4.95 -5.91
N TRP A 18 -8.28 -4.09 -5.01
CA TRP A 18 -7.69 -4.02 -3.67
C TRP A 18 -8.76 -4.24 -2.60
N GLU A 19 -8.41 -5.00 -1.57
CA GLU A 19 -9.33 -5.28 -0.49
C GLU A 19 -8.62 -5.29 0.86
N LYS A 20 -9.11 -4.47 1.79
CA LYS A 20 -8.52 -4.38 3.11
C LYS A 20 -9.02 -5.49 4.02
N ILE A 21 -8.13 -6.39 4.43
CA ILE A 21 -8.49 -7.49 5.30
C ILE A 21 -7.87 -7.33 6.68
N GLU A 22 -8.73 -7.25 7.70
CA GLU A 22 -8.26 -7.10 9.07
C GLU A 22 -8.26 -8.44 9.80
N ASP A 23 -7.07 -8.87 10.22
CA ASP A 23 -6.92 -10.14 10.94
C ASP A 23 -6.33 -9.92 12.32
N PRO A 24 -6.77 -10.73 13.29
CA PRO A 24 -6.29 -10.65 14.67
C PRO A 24 -4.85 -11.10 14.82
N VAL A 25 -4.45 -12.08 14.00
CA VAL A 25 -3.10 -12.60 14.03
C VAL A 25 -2.27 -12.07 12.87
N TYR A 26 -2.85 -12.08 11.68
CA TYR A 26 -2.17 -11.59 10.48
C TYR A 26 -2.16 -10.07 10.45
N GLY A 27 -3.20 -9.46 11.01
CA GLY A 27 -3.30 -8.01 11.03
C GLY A 27 -4.04 -7.47 9.83
N ILE A 28 -3.90 -6.17 9.58
CA ILE A 28 -4.56 -5.52 8.46
C ILE A 28 -3.66 -5.50 7.23
N TYR A 29 -4.09 -6.19 6.17
CA TYR A 29 -3.33 -6.26 4.94
C TYR A 29 -4.25 -6.18 3.73
N TYR A 30 -3.73 -5.63 2.63
CA TYR A 30 -4.51 -5.49 1.41
C TYR A 30 -4.18 -6.62 0.43
N VAL A 31 -5.22 -7.27 -0.09
CA VAL A 31 -5.04 -8.36 -1.05
C VAL A 31 -5.34 -7.91 -2.47
N ASP A 32 -4.58 -8.43 -3.42
CA ASP A 32 -4.76 -8.08 -4.82
C ASP A 32 -5.56 -9.15 -5.55
N HIS A 33 -6.71 -8.76 -6.10
CA HIS A 33 -7.57 -9.69 -6.83
C HIS A 33 -7.17 -9.77 -8.30
N ILE A 34 -5.98 -9.26 -8.62
CA ILE A 34 -5.48 -9.27 -9.99
C ILE A 34 -4.13 -9.96 -10.07
N ASN A 35 -3.25 -9.65 -9.13
CA ASN A 35 -1.92 -10.24 -9.10
C ASN A 35 -1.85 -11.38 -8.09
N ARG A 36 -3.01 -11.75 -7.56
CA ARG A 36 -3.08 -12.83 -6.58
C ARG A 36 -1.92 -12.75 -5.59
N LYS A 37 -1.74 -11.58 -4.99
CA LYS A 37 -0.67 -11.38 -4.03
C LYS A 37 -1.10 -10.42 -2.92
N THR A 38 -0.31 -10.34 -1.85
CA THR A 38 -0.62 -9.47 -0.73
C THR A 38 0.64 -8.83 -0.17
N GLN A 39 0.51 -7.63 0.38
CA GLN A 39 1.64 -6.91 0.95
C GLN A 39 1.19 -6.03 2.12
N TYR A 40 2.16 -5.37 2.76
CA TYR A 40 1.87 -4.51 3.89
C TYR A 40 1.77 -3.05 3.45
N GLU A 41 2.83 -2.57 2.79
CA GLU A 41 2.86 -1.19 2.32
C GLU A 41 1.71 -0.90 1.36
N ASN A 42 0.84 0.01 1.75
CA ASN A 42 -0.31 0.38 0.93
C ASN A 42 0.13 0.71 -0.49
N PRO A 43 -0.68 0.28 -1.47
CA PRO A 43 -0.40 0.52 -2.89
C PRO A 43 -0.57 1.99 -3.27
N VAL A 44 -1.66 2.60 -2.81
CA VAL A 44 -1.93 4.00 -3.10
C VAL A 44 -0.76 4.88 -2.72
N LEU A 45 -0.17 4.62 -1.56
CA LEU A 45 0.97 5.39 -1.08
C LEU A 45 2.15 5.26 -2.05
N GLU A 46 2.64 4.03 -2.21
CA GLU A 46 3.77 3.79 -3.10
C GLU A 46 3.64 4.59 -4.39
N ALA A 47 2.56 4.33 -5.14
CA ALA A 47 2.31 5.03 -6.39
C ALA A 47 2.44 6.54 -6.21
N LYS A 48 1.58 7.10 -5.37
CA LYS A 48 1.59 8.54 -5.11
C LYS A 48 2.95 8.97 -4.56
N ARG A 49 3.76 8.01 -4.15
CA ARG A 49 5.08 8.29 -3.61
C ARG A 49 6.13 8.29 -4.70
N LYS A 50 5.97 7.40 -5.68
CA LYS A 50 6.91 7.31 -6.79
C LYS A 50 6.48 8.20 -7.95
N LYS A 51 5.24 8.68 -7.89
CA LYS A 51 4.70 9.55 -8.93
C LYS A 51 5.03 11.02 -8.66
N GLN A 52 4.90 11.41 -7.39
CA GLN A 52 5.18 12.79 -7.00
C GLN A 52 6.62 13.16 -7.34
N LEU A 53 7.44 12.16 -7.63
CA LEU A 53 8.83 12.39 -7.97
C LEU A 53 9.04 12.31 -9.49
N GLU A 54 10.29 12.41 -9.91
CA GLU A 54 10.63 12.36 -11.32
C GLU A 54 11.09 10.96 -11.72
N SER A 55 10.45 10.40 -12.75
CA SER A 55 10.79 9.07 -13.23
C SER A 55 11.90 9.13 -14.26
N GLY A 56 13.13 8.87 -13.82
CA GLY A 56 14.27 8.90 -14.71
C GLY A 56 15.52 8.30 -14.09
N PRO A 57 16.54 8.07 -14.93
CA PRO A 57 17.81 7.49 -14.47
C PRO A 57 18.61 8.45 -13.60
N SER A 58 18.64 9.72 -14.00
CA SER A 58 19.37 10.74 -13.26
C SER A 58 18.49 11.37 -12.19
N SER A 59 18.84 11.13 -10.93
CA SER A 59 18.07 11.68 -9.81
C SER A 59 18.73 12.95 -9.28
N GLY A 60 17.89 13.85 -8.75
CA GLY A 60 18.41 15.10 -8.22
C GLY A 60 19.02 15.99 -9.28
N GLY A 1 7.57 -2.01 15.10
CA GLY A 1 7.50 -0.95 16.10
C GLY A 1 7.08 -1.47 17.46
N SER A 2 5.83 -1.90 17.57
CA SER A 2 5.31 -2.41 18.82
C SER A 2 3.91 -2.99 18.64
N SER A 3 3.75 -4.28 18.97
CA SER A 3 2.46 -4.94 18.83
C SER A 3 1.48 -4.43 19.86
N GLY A 4 0.41 -3.78 19.39
CA GLY A 4 -0.60 -3.25 20.28
C GLY A 4 -1.47 -2.20 19.62
N SER A 5 -1.01 -0.96 19.64
CA SER A 5 -1.77 0.14 19.03
C SER A 5 -2.47 -0.32 17.76
N SER A 6 -3.69 0.16 17.56
CA SER A 6 -4.47 -0.20 16.38
C SER A 6 -3.81 0.32 15.10
N GLY A 7 -3.57 -0.59 14.16
CA GLY A 7 -2.94 -0.19 12.91
C GLY A 7 -3.50 1.10 12.37
N LEU A 8 -2.70 1.78 11.54
CA LEU A 8 -3.12 3.04 10.95
C LEU A 8 -3.25 2.92 9.44
N ASP A 9 -2.35 2.18 8.82
CA ASP A 9 -2.36 1.97 7.38
C ASP A 9 -3.69 1.36 6.94
N SER A 10 -4.41 2.08 6.07
CA SER A 10 -5.70 1.61 5.58
C SER A 10 -5.76 1.70 4.05
N GLU A 11 -6.87 1.23 3.48
CA GLU A 11 -7.04 1.26 2.03
C GLU A 11 -6.44 2.53 1.44
N LEU A 12 -6.72 3.67 2.07
CA LEU A 12 -6.20 4.96 1.61
C LEU A 12 -6.73 5.27 0.21
N GLU A 13 -7.99 4.96 -0.03
CA GLU A 13 -8.61 5.21 -1.33
C GLU A 13 -7.94 4.38 -2.42
N LEU A 14 -7.88 3.08 -2.21
CA LEU A 14 -7.27 2.17 -3.18
C LEU A 14 -7.83 2.41 -4.58
N PRO A 15 -7.01 2.11 -5.60
CA PRO A 15 -7.40 2.29 -7.00
C PRO A 15 -8.46 1.29 -7.44
N ALA A 16 -8.02 0.14 -7.94
CA ALA A 16 -8.94 -0.90 -8.39
C ALA A 16 -8.35 -2.29 -8.16
N GLY A 17 -9.17 -3.19 -7.63
CA GLY A 17 -8.72 -4.54 -7.36
C GLY A 17 -7.99 -4.66 -6.04
N TRP A 18 -8.40 -3.85 -5.07
CA TRP A 18 -7.78 -3.86 -3.75
C TRP A 18 -8.82 -4.14 -2.66
N GLU A 19 -8.46 -5.00 -1.71
CA GLU A 19 -9.36 -5.34 -0.62
C GLU A 19 -8.61 -5.35 0.72
N LYS A 20 -8.97 -4.44 1.60
CA LYS A 20 -8.35 -4.33 2.91
C LYS A 20 -8.90 -5.38 3.86
N ILE A 21 -8.07 -6.36 4.22
CA ILE A 21 -8.48 -7.42 5.13
C ILE A 21 -7.86 -7.22 6.52
N GLU A 22 -8.72 -7.06 7.53
CA GLU A 22 -8.26 -6.88 8.89
C GLU A 22 -8.34 -8.19 9.68
N ASP A 23 -7.18 -8.66 10.14
CA ASP A 23 -7.12 -9.90 10.91
C ASP A 23 -6.51 -9.65 12.28
N PRO A 24 -7.00 -10.39 13.28
CA PRO A 24 -6.52 -10.27 14.67
C PRO A 24 -5.10 -10.81 14.84
N VAL A 25 -4.77 -11.84 14.06
CA VAL A 25 -3.44 -12.44 14.13
C VAL A 25 -2.58 -12.00 12.95
N TYR A 26 -3.16 -12.03 11.76
CA TYR A 26 -2.44 -11.64 10.55
C TYR A 26 -2.35 -10.12 10.45
N GLY A 27 -3.36 -9.43 10.98
CA GLY A 27 -3.37 -7.98 10.93
C GLY A 27 -4.04 -7.44 9.69
N ILE A 28 -3.95 -6.13 9.48
CA ILE A 28 -4.55 -5.50 8.32
C ILE A 28 -3.63 -5.58 7.10
N TYR A 29 -4.09 -6.27 6.07
CA TYR A 29 -3.31 -6.42 4.85
C TYR A 29 -4.20 -6.35 3.61
N TYR A 30 -3.66 -5.77 2.55
CA TYR A 30 -4.41 -5.63 1.30
C TYR A 30 -4.13 -6.80 0.35
N VAL A 31 -5.19 -7.38 -0.19
CA VAL A 31 -5.04 -8.50 -1.11
C VAL A 31 -5.24 -8.05 -2.56
N ASP A 32 -4.34 -8.50 -3.43
CA ASP A 32 -4.40 -8.15 -4.85
C ASP A 32 -5.12 -9.24 -5.65
N HIS A 33 -6.35 -8.96 -6.05
CA HIS A 33 -7.14 -9.90 -6.81
C HIS A 33 -6.78 -9.85 -8.30
N ILE A 34 -5.63 -9.25 -8.58
CA ILE A 34 -5.16 -9.13 -9.96
C ILE A 34 -3.85 -9.88 -10.16
N ASN A 35 -3.03 -9.93 -9.12
CA ASN A 35 -1.75 -10.62 -9.18
C ASN A 35 -1.65 -11.68 -8.08
N ARG A 36 -2.80 -12.04 -7.51
CA ARG A 36 -2.85 -13.05 -6.45
C ARG A 36 -1.68 -12.87 -5.49
N LYS A 37 -1.52 -11.66 -4.97
CA LYS A 37 -0.45 -11.36 -4.03
C LYS A 37 -0.95 -10.47 -2.90
N THR A 38 -0.23 -10.48 -1.78
CA THR A 38 -0.60 -9.67 -0.63
C THR A 38 0.63 -9.08 0.05
N GLN A 39 0.60 -7.77 0.29
CA GLN A 39 1.71 -7.09 0.94
C GLN A 39 1.22 -6.16 2.04
N TYR A 40 2.15 -5.63 2.81
CA TYR A 40 1.81 -4.73 3.91
C TYR A 40 1.79 -3.27 3.44
N GLU A 41 2.84 -2.88 2.72
CA GLU A 41 2.94 -1.52 2.21
C GLU A 41 1.75 -1.19 1.31
N ASN A 42 0.97 -0.18 1.71
CA ASN A 42 -0.19 0.24 0.93
C ASN A 42 0.21 0.67 -0.47
N PRO A 43 -0.61 0.28 -1.46
CA PRO A 43 -0.36 0.63 -2.87
C PRO A 43 -0.54 2.11 -3.15
N VAL A 44 -1.65 2.67 -2.66
CA VAL A 44 -1.94 4.08 -2.85
C VAL A 44 -0.75 4.95 -2.50
N LEU A 45 -0.07 4.59 -1.41
CA LEU A 45 1.10 5.34 -0.96
C LEU A 45 2.26 5.18 -1.95
N GLU A 46 2.51 3.95 -2.36
CA GLU A 46 3.59 3.67 -3.30
C GLU A 46 3.44 4.48 -4.57
N ALA A 47 2.32 4.29 -5.26
CA ALA A 47 2.04 5.02 -6.49
C ALA A 47 2.25 6.52 -6.30
N LYS A 48 1.51 7.09 -5.36
CA LYS A 48 1.61 8.52 -5.08
C LYS A 48 3.01 8.89 -4.62
N ARG A 49 3.80 7.87 -4.29
CA ARG A 49 5.18 8.09 -3.83
C ARG A 49 6.15 8.05 -4.99
N LYS A 50 5.84 7.24 -6.00
CA LYS A 50 6.69 7.11 -7.17
C LYS A 50 6.21 8.04 -8.29
N LYS A 51 5.07 8.68 -8.08
CA LYS A 51 4.52 9.59 -9.07
C LYS A 51 4.82 11.04 -8.69
N GLN A 52 4.77 11.34 -7.40
CA GLN A 52 5.04 12.69 -6.92
C GLN A 52 6.37 13.20 -7.44
N LEU A 53 7.30 12.27 -7.71
CA LEU A 53 8.61 12.63 -8.21
C LEU A 53 8.54 13.07 -9.67
N GLU A 54 8.73 14.37 -9.89
CA GLU A 54 8.68 14.93 -11.24
C GLU A 54 10.08 14.97 -11.86
N SER A 55 10.83 13.90 -11.65
CA SER A 55 12.20 13.82 -12.19
C SER A 55 12.17 13.71 -13.71
N GLY A 56 12.95 14.57 -14.37
CA GLY A 56 13.01 14.55 -15.82
C GLY A 56 14.10 15.45 -16.37
N PRO A 57 14.32 15.38 -17.69
CA PRO A 57 15.35 16.18 -18.35
C PRO A 57 14.98 17.66 -18.41
N SER A 58 13.71 17.94 -18.70
CA SER A 58 13.23 19.31 -18.78
C SER A 58 11.89 19.47 -18.07
N SER A 59 11.81 20.47 -17.20
CA SER A 59 10.58 20.72 -16.44
C SER A 59 9.57 21.50 -17.28
N GLY A 60 8.47 20.84 -17.63
CA GLY A 60 7.45 21.48 -18.43
C GLY A 60 6.64 20.48 -19.24
N GLY A 1 10.57 3.25 4.10
CA GLY A 1 11.13 3.69 5.37
C GLY A 1 11.18 2.59 6.41
N SER A 2 12.30 2.50 7.11
CA SER A 2 12.48 1.47 8.14
C SER A 2 11.37 1.56 9.19
N SER A 3 11.16 2.77 9.72
CA SER A 3 10.14 2.98 10.72
C SER A 3 8.76 3.11 10.08
N GLY A 4 7.91 2.12 10.34
CA GLY A 4 6.56 2.14 9.78
C GLY A 4 5.49 2.10 10.86
N SER A 5 4.24 1.96 10.43
CA SER A 5 3.11 1.92 11.36
C SER A 5 2.43 0.55 11.33
N SER A 6 2.10 0.09 10.13
CA SER A 6 1.45 -1.21 9.97
C SER A 6 0.14 -1.25 10.75
N GLY A 7 -0.60 -0.14 10.73
CA GLY A 7 -1.86 -0.08 11.44
C GLY A 7 -2.84 0.89 10.81
N LEU A 8 -2.73 2.16 11.20
CA LEU A 8 -3.61 3.19 10.66
C LEU A 8 -3.79 3.04 9.16
N ASP A 9 -2.70 2.68 8.48
CA ASP A 9 -2.74 2.49 7.04
C ASP A 9 -4.02 1.78 6.60
N SER A 10 -4.75 2.41 5.67
CA SER A 10 -5.99 1.84 5.18
C SER A 10 -6.03 1.87 3.66
N GLU A 11 -7.15 1.41 3.09
CA GLU A 11 -7.31 1.38 1.64
C GLU A 11 -6.74 2.63 1.01
N LEU A 12 -7.09 3.79 1.55
CA LEU A 12 -6.61 5.06 1.04
C LEU A 12 -7.08 5.28 -0.39
N GLU A 13 -8.34 4.95 -0.66
CA GLU A 13 -8.92 5.11 -1.99
C GLU A 13 -8.20 4.23 -3.00
N LEU A 14 -8.13 2.93 -2.71
CA LEU A 14 -7.47 1.98 -3.60
C LEU A 14 -8.01 2.10 -5.02
N PRO A 15 -7.17 1.75 -6.01
CA PRO A 15 -7.55 1.80 -7.43
C PRO A 15 -8.58 0.74 -7.79
N ALA A 16 -8.09 -0.42 -8.21
CA ALA A 16 -8.98 -1.52 -8.58
C ALA A 16 -8.35 -2.87 -8.24
N GLY A 17 -9.15 -3.76 -7.65
CA GLY A 17 -8.66 -5.07 -7.27
C GLY A 17 -7.96 -5.06 -5.93
N TRP A 18 -8.41 -4.19 -5.04
CA TRP A 18 -7.81 -4.08 -3.71
C TRP A 18 -8.87 -4.30 -2.63
N GLU A 19 -8.49 -5.02 -1.57
CA GLU A 19 -9.40 -5.29 -0.47
C GLU A 19 -8.66 -5.31 0.87
N LYS A 20 -9.04 -4.42 1.77
CA LYS A 20 -8.41 -4.34 3.08
C LYS A 20 -8.90 -5.46 3.99
N ILE A 21 -7.99 -6.35 4.37
CA ILE A 21 -8.33 -7.48 5.24
C ILE A 21 -7.70 -7.31 6.62
N GLU A 22 -8.55 -7.21 7.64
CA GLU A 22 -8.07 -7.05 9.01
C GLU A 22 -8.08 -8.38 9.75
N ASP A 23 -6.90 -8.83 10.17
CA ASP A 23 -6.77 -10.09 10.89
C ASP A 23 -6.14 -9.87 12.27
N PRO A 24 -6.60 -10.66 13.26
CA PRO A 24 -6.09 -10.57 14.62
C PRO A 24 -4.65 -11.06 14.76
N VAL A 25 -4.30 -12.05 13.95
CA VAL A 25 -2.95 -12.61 13.98
C VAL A 25 -2.13 -12.10 12.80
N TYR A 26 -2.73 -12.10 11.62
CA TYR A 26 -2.05 -11.65 10.41
C TYR A 26 -2.01 -10.13 10.35
N GLY A 27 -3.04 -9.50 10.94
CA GLY A 27 -3.10 -8.05 10.94
C GLY A 27 -3.83 -7.49 9.72
N ILE A 28 -3.72 -6.19 9.51
CA ILE A 28 -4.37 -5.54 8.38
C ILE A 28 -3.48 -5.59 7.13
N TYR A 29 -3.95 -6.29 6.11
CA TYR A 29 -3.22 -6.42 4.87
C TYR A 29 -4.14 -6.30 3.66
N TYR A 30 -3.62 -5.74 2.58
CA TYR A 30 -4.40 -5.56 1.35
C TYR A 30 -4.11 -6.68 0.35
N VAL A 31 -5.18 -7.28 -0.17
CA VAL A 31 -5.04 -8.36 -1.14
C VAL A 31 -5.38 -7.88 -2.54
N ASP A 32 -4.58 -8.30 -3.52
CA ASP A 32 -4.80 -7.91 -4.91
C ASP A 32 -5.65 -8.96 -5.63
N HIS A 33 -6.85 -8.54 -6.04
CA HIS A 33 -7.77 -9.44 -6.74
C HIS A 33 -7.30 -9.68 -8.17
N ILE A 34 -6.15 -9.13 -8.51
CA ILE A 34 -5.59 -9.29 -9.84
C ILE A 34 -4.21 -9.92 -9.80
N ASN A 35 -3.28 -9.26 -9.09
CA ASN A 35 -1.92 -9.76 -8.96
C ASN A 35 -1.87 -10.98 -8.04
N ARG A 36 -2.94 -11.17 -7.26
CA ARG A 36 -3.01 -12.29 -6.34
C ARG A 36 -1.88 -12.24 -5.32
N LYS A 37 -1.51 -11.02 -4.92
CA LYS A 37 -0.43 -10.84 -3.96
C LYS A 37 -0.92 -10.02 -2.77
N THR A 38 -0.32 -10.25 -1.61
CA THR A 38 -0.68 -9.53 -0.39
C THR A 38 0.55 -8.97 0.32
N GLN A 39 0.49 -7.69 0.67
CA GLN A 39 1.61 -7.04 1.35
C GLN A 39 1.11 -6.01 2.36
N TYR A 40 2.03 -5.44 3.13
CA TYR A 40 1.68 -4.45 4.13
C TYR A 40 1.70 -3.04 3.53
N GLU A 41 2.72 -2.76 2.73
CA GLU A 41 2.85 -1.46 2.10
C GLU A 41 1.66 -1.15 1.20
N ASN A 42 0.90 -0.12 1.55
CA ASN A 42 -0.27 0.27 0.79
C ASN A 42 0.12 0.65 -0.64
N PRO A 43 -0.71 0.25 -1.61
CA PRO A 43 -0.48 0.55 -3.03
C PRO A 43 -0.68 2.02 -3.36
N VAL A 44 -1.80 2.57 -2.91
CA VAL A 44 -2.11 3.98 -3.15
C VAL A 44 -0.97 4.88 -2.71
N LEU A 45 -0.36 4.54 -1.57
CA LEU A 45 0.75 5.32 -1.04
C LEU A 45 1.98 5.19 -1.93
N GLU A 46 2.39 3.96 -2.20
CA GLU A 46 3.55 3.70 -3.03
C GLU A 46 3.48 4.52 -4.32
N ALA A 47 2.41 4.35 -5.08
CA ALA A 47 2.23 5.09 -6.32
C ALA A 47 2.54 6.57 -6.15
N LYS A 48 1.73 7.25 -5.33
CA LYS A 48 1.93 8.67 -5.07
C LYS A 48 3.35 8.94 -4.57
N ARG A 49 3.95 7.94 -3.95
CA ARG A 49 5.30 8.08 -3.43
C ARG A 49 6.33 7.99 -4.55
N LYS A 50 6.05 7.15 -5.54
CA LYS A 50 6.95 6.97 -6.68
C LYS A 50 6.53 7.86 -7.84
N LYS A 51 5.37 8.49 -7.71
CA LYS A 51 4.85 9.37 -8.75
C LYS A 51 5.19 10.82 -8.46
N GLN A 52 5.15 11.19 -7.18
CA GLN A 52 5.47 12.56 -6.77
C GLN A 52 6.83 12.99 -7.31
N LEU A 53 7.71 12.02 -7.52
CA LEU A 53 9.04 12.30 -8.03
C LEU A 53 8.99 12.88 -9.44
N GLU A 54 9.41 14.13 -9.59
CA GLU A 54 9.41 14.79 -10.89
C GLU A 54 10.83 14.89 -11.45
N SER A 55 11.05 14.26 -12.60
CA SER A 55 12.35 14.27 -13.25
C SER A 55 12.26 14.91 -14.63
N GLY A 56 13.41 15.05 -15.28
CA GLY A 56 13.45 15.64 -16.61
C GLY A 56 14.19 16.96 -16.63
N PRO A 57 13.90 17.78 -17.65
CA PRO A 57 14.53 19.10 -17.81
C PRO A 57 14.08 20.09 -16.75
N SER A 58 12.79 20.05 -16.43
CA SER A 58 12.23 20.96 -15.44
C SER A 58 12.62 20.53 -14.03
N SER A 59 12.80 21.50 -13.15
CA SER A 59 13.18 21.22 -11.77
C SER A 59 12.05 21.59 -10.81
N GLY A 60 11.89 20.78 -9.77
CA GLY A 60 10.84 21.02 -8.80
C GLY A 60 11.09 20.32 -7.48
N GLY A 1 10.42 -4.98 15.00
CA GLY A 1 10.52 -4.75 16.43
C GLY A 1 9.19 -4.81 17.13
N SER A 2 8.92 -3.83 17.99
CA SER A 2 7.67 -3.79 18.73
C SER A 2 6.51 -3.42 17.81
N SER A 3 5.95 -4.43 17.14
CA SER A 3 4.83 -4.22 16.24
C SER A 3 3.52 -4.11 17.00
N GLY A 4 2.80 -3.01 16.79
CA GLY A 4 1.54 -2.79 17.46
C GLY A 4 1.07 -1.36 17.38
N SER A 5 0.65 -0.94 16.19
CA SER A 5 0.18 0.43 15.98
C SER A 5 -1.34 0.47 15.86
N SER A 6 -1.92 1.65 16.03
CA SER A 6 -3.36 1.82 15.94
C SER A 6 -3.74 2.53 14.65
N GLY A 7 -4.24 1.76 13.68
CA GLY A 7 -4.63 2.32 12.41
C GLY A 7 -3.56 3.24 11.82
N LEU A 8 -2.59 2.64 11.16
CA LEU A 8 -1.50 3.40 10.55
C LEU A 8 -1.69 3.51 9.04
N ASP A 9 -2.35 2.52 8.47
CA ASP A 9 -2.60 2.49 7.03
C ASP A 9 -4.00 1.96 6.73
N SER A 10 -4.50 2.26 5.53
CA SER A 10 -5.82 1.80 5.11
C SER A 10 -5.97 1.88 3.61
N GLU A 11 -7.08 1.36 3.10
CA GLU A 11 -7.35 1.35 1.66
C GLU A 11 -6.84 2.64 1.02
N LEU A 12 -7.22 3.78 1.59
CA LEU A 12 -6.80 5.08 1.08
C LEU A 12 -7.31 5.28 -0.35
N GLU A 13 -8.55 4.90 -0.59
CA GLU A 13 -9.16 5.04 -1.92
C GLU A 13 -8.44 4.19 -2.94
N LEU A 14 -8.28 2.90 -2.63
CA LEU A 14 -7.61 1.97 -3.54
C LEU A 14 -8.17 2.08 -4.95
N PRO A 15 -7.33 1.75 -5.94
CA PRO A 15 -7.71 1.80 -7.35
C PRO A 15 -8.72 0.72 -7.72
N ALA A 16 -8.21 -0.44 -8.14
CA ALA A 16 -9.07 -1.55 -8.52
C ALA A 16 -8.41 -2.89 -8.18
N GLY A 17 -9.19 -3.79 -7.59
CA GLY A 17 -8.66 -5.09 -7.22
C GLY A 17 -7.97 -5.08 -5.87
N TRP A 18 -8.42 -4.22 -4.98
CA TRP A 18 -7.83 -4.10 -3.66
C TRP A 18 -8.88 -4.32 -2.57
N GLU A 19 -8.50 -5.06 -1.53
CA GLU A 19 -9.42 -5.36 -0.43
C GLU A 19 -8.68 -5.32 0.91
N LYS A 20 -9.06 -4.40 1.77
CA LYS A 20 -8.45 -4.27 3.09
C LYS A 20 -8.93 -5.35 4.03
N ILE A 21 -8.04 -6.28 4.36
CA ILE A 21 -8.38 -7.39 5.26
C ILE A 21 -7.71 -7.20 6.62
N GLU A 22 -8.54 -7.06 7.66
CA GLU A 22 -8.04 -6.88 9.01
C GLU A 22 -8.03 -8.21 9.77
N ASP A 23 -6.85 -8.64 10.20
CA ASP A 23 -6.71 -9.90 10.93
C ASP A 23 -6.07 -9.65 12.30
N PRO A 24 -6.50 -10.43 13.30
CA PRO A 24 -5.99 -10.32 14.67
C PRO A 24 -4.54 -10.80 14.78
N VAL A 25 -4.19 -11.79 13.98
CA VAL A 25 -2.83 -12.33 13.99
C VAL A 25 -2.03 -11.83 12.80
N TYR A 26 -2.63 -11.87 11.62
CA TYR A 26 -1.97 -11.41 10.40
C TYR A 26 -1.95 -9.90 10.32
N GLY A 27 -2.98 -9.26 10.89
CA GLY A 27 -3.07 -7.82 10.87
C GLY A 27 -3.81 -7.30 9.66
N ILE A 28 -3.74 -5.99 9.44
CA ILE A 28 -4.40 -5.36 8.30
C ILE A 28 -3.52 -5.39 7.06
N TYR A 29 -3.98 -6.08 6.03
CA TYR A 29 -3.24 -6.19 4.78
C TYR A 29 -4.18 -6.16 3.58
N TYR A 30 -3.69 -5.63 2.47
CA TYR A 30 -4.49 -5.54 1.25
C TYR A 30 -4.22 -6.73 0.33
N VAL A 31 -5.29 -7.37 -0.14
CA VAL A 31 -5.16 -8.51 -1.03
C VAL A 31 -5.53 -8.14 -2.46
N ASP A 32 -4.73 -8.61 -3.41
CA ASP A 32 -4.97 -8.33 -4.82
C ASP A 32 -5.69 -9.50 -5.50
N HIS A 33 -6.92 -9.25 -5.93
CA HIS A 33 -7.72 -10.28 -6.59
C HIS A 33 -7.29 -10.45 -8.05
N ILE A 34 -6.33 -9.62 -8.48
CA ILE A 34 -5.84 -9.69 -9.85
C ILE A 34 -4.36 -10.09 -9.87
N ASN A 35 -3.54 -9.33 -9.15
CA ASN A 35 -2.10 -9.61 -9.09
C ASN A 35 -1.83 -10.90 -8.34
N ARG A 36 -2.82 -11.37 -7.59
CA ARG A 36 -2.68 -12.60 -6.82
C ARG A 36 -1.52 -12.50 -5.84
N LYS A 37 -1.53 -11.45 -5.01
CA LYS A 37 -0.48 -11.24 -4.03
C LYS A 37 -1.00 -10.41 -2.85
N THR A 38 -0.26 -10.43 -1.76
CA THR A 38 -0.63 -9.69 -0.56
C THR A 38 0.59 -9.11 0.14
N GLN A 39 0.64 -7.78 0.22
CA GLN A 39 1.76 -7.10 0.87
C GLN A 39 1.25 -6.06 1.86
N TYR A 40 2.14 -5.63 2.76
CA TYR A 40 1.79 -4.63 3.76
C TYR A 40 1.70 -3.24 3.14
N GLU A 41 2.81 -2.78 2.59
CA GLU A 41 2.87 -1.46 1.96
C GLU A 41 1.60 -1.19 1.16
N ASN A 42 0.99 -0.04 1.39
CA ASN A 42 -0.23 0.34 0.69
C ASN A 42 0.08 0.77 -0.74
N PRO A 43 -0.82 0.37 -1.67
CA PRO A 43 -0.66 0.70 -3.10
C PRO A 43 -0.87 2.18 -3.37
N VAL A 44 -1.99 2.73 -2.88
CA VAL A 44 -2.30 4.14 -3.08
C VAL A 44 -1.14 5.02 -2.63
N LEU A 45 -0.48 4.62 -1.55
CA LEU A 45 0.65 5.38 -1.02
C LEU A 45 1.87 5.26 -1.93
N GLU A 46 2.39 4.04 -2.05
CA GLU A 46 3.56 3.80 -2.89
C GLU A 46 3.48 4.60 -4.18
N ALA A 47 2.43 4.38 -4.96
CA ALA A 47 2.25 5.09 -6.21
C ALA A 47 2.54 6.57 -6.06
N LYS A 48 1.71 7.26 -5.28
CA LYS A 48 1.89 8.69 -5.05
C LYS A 48 3.29 8.99 -4.54
N ARG A 49 3.90 8.01 -3.87
CA ARG A 49 5.24 8.16 -3.33
C ARG A 49 6.29 8.06 -4.44
N LYS A 50 6.00 7.21 -5.43
CA LYS A 50 6.92 7.02 -6.54
C LYS A 50 6.59 7.97 -7.70
N LYS A 51 5.51 8.73 -7.54
CA LYS A 51 5.09 9.68 -8.56
C LYS A 51 5.49 11.10 -8.19
N GLN A 52 5.54 11.38 -6.89
CA GLN A 52 5.92 12.70 -6.40
C GLN A 52 7.30 13.09 -6.92
N LEU A 53 8.14 12.10 -7.16
CA LEU A 53 9.48 12.33 -7.66
C LEU A 53 9.47 12.76 -9.12
N GLU A 54 9.62 14.06 -9.37
CA GLU A 54 9.61 14.59 -10.73
C GLU A 54 10.83 14.11 -11.50
N SER A 55 10.59 13.30 -12.52
CA SER A 55 11.68 12.76 -13.35
C SER A 55 12.75 13.83 -13.59
N GLY A 56 14.01 13.46 -13.33
CA GLY A 56 15.10 14.39 -13.53
C GLY A 56 16.33 14.01 -12.73
N PRO A 57 17.46 14.67 -13.02
CA PRO A 57 18.73 14.42 -12.35
C PRO A 57 18.72 14.88 -10.90
N SER A 58 18.84 13.94 -9.98
CA SER A 58 18.84 14.25 -8.55
C SER A 58 20.18 14.81 -8.12
N SER A 59 20.18 16.06 -7.65
CA SER A 59 21.39 16.72 -7.20
C SER A 59 21.23 17.28 -5.79
N GLY A 60 21.99 16.73 -4.85
CA GLY A 60 21.92 17.19 -3.47
C GLY A 60 21.11 16.25 -2.59
N GLY A 1 8.58 -10.35 7.00
CA GLY A 1 9.78 -11.17 7.05
C GLY A 1 11.05 -10.36 6.82
N SER A 2 10.99 -9.45 5.86
CA SER A 2 12.13 -8.61 5.53
C SER A 2 12.01 -7.23 6.17
N SER A 3 10.84 -6.61 5.98
CA SER A 3 10.60 -5.29 6.54
C SER A 3 9.33 -5.28 7.39
N GLY A 4 9.30 -4.38 8.37
CA GLY A 4 8.14 -4.30 9.25
C GLY A 4 7.80 -2.87 9.61
N SER A 5 7.09 -2.18 8.71
CA SER A 5 6.71 -0.80 8.95
C SER A 5 6.08 -0.63 10.33
N SER A 6 6.12 0.60 10.84
CA SER A 6 5.56 0.89 12.16
C SER A 6 4.42 1.90 12.06
N GLY A 7 3.21 1.43 12.32
CA GLY A 7 2.05 2.30 12.24
C GLY A 7 0.86 1.64 11.58
N LEU A 8 -0.30 2.27 11.67
CA LEU A 8 -1.52 1.74 11.07
C LEU A 8 -1.62 2.12 9.60
N ASP A 9 -2.35 1.32 8.83
CA ASP A 9 -2.52 1.57 7.41
C ASP A 9 -3.96 1.32 6.98
N SER A 10 -4.38 1.95 5.90
CA SER A 10 -5.73 1.80 5.38
C SER A 10 -5.75 1.82 3.86
N GLU A 11 -6.86 1.37 3.28
CA GLU A 11 -7.00 1.33 1.83
C GLU A 11 -6.42 2.59 1.19
N LEU A 12 -6.76 3.74 1.77
CA LEU A 12 -6.27 5.02 1.26
C LEU A 12 -6.74 5.26 -0.18
N GLU A 13 -8.00 4.91 -0.45
CA GLU A 13 -8.57 5.08 -1.77
C GLU A 13 -7.84 4.22 -2.79
N LEU A 14 -7.74 2.92 -2.51
CA LEU A 14 -7.06 1.99 -3.40
C LEU A 14 -7.55 2.15 -4.83
N PRO A 15 -6.69 1.81 -5.80
CA PRO A 15 -7.02 1.91 -7.22
C PRO A 15 -8.06 0.87 -7.65
N ALA A 16 -7.58 -0.28 -8.09
CA ALA A 16 -8.45 -1.36 -8.53
C ALA A 16 -7.86 -2.73 -8.19
N GLY A 17 -8.70 -3.61 -7.67
CA GLY A 17 -8.25 -4.94 -7.31
C GLY A 17 -7.60 -4.99 -5.94
N TRP A 18 -8.06 -4.13 -5.04
CA TRP A 18 -7.52 -4.07 -3.69
C TRP A 18 -8.61 -4.28 -2.65
N GLU A 19 -8.34 -5.14 -1.68
CA GLU A 19 -9.30 -5.44 -0.62
C GLU A 19 -8.63 -5.44 0.75
N LYS A 20 -9.04 -4.52 1.61
CA LYS A 20 -8.48 -4.41 2.95
C LYS A 20 -9.02 -5.52 3.85
N ILE A 21 -8.15 -6.41 4.28
CA ILE A 21 -8.54 -7.52 5.15
C ILE A 21 -7.93 -7.36 6.55
N GLU A 22 -8.79 -7.27 7.55
CA GLU A 22 -8.34 -7.12 8.93
C GLU A 22 -8.34 -8.47 9.65
N ASP A 23 -7.16 -8.90 10.08
CA ASP A 23 -7.03 -10.16 10.79
C ASP A 23 -6.41 -9.95 12.17
N PRO A 24 -6.83 -10.77 13.14
CA PRO A 24 -6.34 -10.69 14.52
C PRO A 24 -4.89 -11.15 14.64
N VAL A 25 -4.51 -12.12 13.81
CA VAL A 25 -3.15 -12.65 13.82
C VAL A 25 -2.34 -12.09 12.67
N TYR A 26 -2.92 -12.10 11.48
CA TYR A 26 -2.25 -11.60 10.28
C TYR A 26 -2.26 -10.07 10.26
N GLY A 27 -3.29 -9.48 10.84
CA GLY A 27 -3.40 -8.04 10.88
C GLY A 27 -4.13 -7.48 9.68
N ILE A 28 -3.98 -6.18 9.44
CA ILE A 28 -4.65 -5.53 8.32
C ILE A 28 -3.75 -5.53 7.08
N TYR A 29 -4.20 -6.21 6.03
CA TYR A 29 -3.43 -6.29 4.78
C TYR A 29 -4.37 -6.26 3.58
N TYR A 30 -3.88 -5.68 2.48
CA TYR A 30 -4.67 -5.58 1.26
C TYR A 30 -4.34 -6.73 0.30
N VAL A 31 -5.36 -7.50 -0.06
CA VAL A 31 -5.19 -8.63 -0.95
C VAL A 31 -5.66 -8.29 -2.36
N ASP A 32 -4.86 -8.66 -3.36
CA ASP A 32 -5.19 -8.39 -4.76
C ASP A 32 -5.77 -9.63 -5.42
N HIS A 33 -7.10 -9.67 -5.53
CA HIS A 33 -7.78 -10.80 -6.16
C HIS A 33 -7.45 -10.89 -7.64
N ILE A 34 -6.73 -9.89 -8.14
CA ILE A 34 -6.35 -9.85 -9.54
C ILE A 34 -4.84 -10.03 -9.71
N ASN A 35 -4.08 -9.18 -9.02
CA ASN A 35 -2.63 -9.24 -9.10
C ASN A 35 -2.09 -10.44 -8.31
N ARG A 36 -2.97 -11.04 -7.51
CA ARG A 36 -2.58 -12.20 -6.70
C ARG A 36 -1.35 -11.89 -5.86
N LYS A 37 -1.44 -10.81 -5.07
CA LYS A 37 -0.33 -10.41 -4.21
C LYS A 37 -0.85 -9.71 -2.96
N THR A 38 -0.10 -9.85 -1.86
CA THR A 38 -0.48 -9.22 -0.60
C THR A 38 0.73 -8.67 0.13
N GLN A 39 0.64 -7.42 0.57
CA GLN A 39 1.72 -6.77 1.28
C GLN A 39 1.19 -5.75 2.30
N TYR A 40 2.04 -5.36 3.23
CA TYR A 40 1.66 -4.39 4.26
C TYR A 40 1.63 -2.98 3.70
N GLU A 41 2.74 -2.57 3.08
CA GLU A 41 2.85 -1.25 2.50
C GLU A 41 1.72 -0.98 1.51
N ASN A 42 0.90 0.02 1.82
CA ASN A 42 -0.22 0.37 0.96
C ASN A 42 0.25 0.74 -0.45
N PRO A 43 -0.50 0.29 -1.46
CA PRO A 43 -0.18 0.56 -2.86
C PRO A 43 -0.36 2.03 -3.23
N VAL A 44 -1.43 2.64 -2.69
CA VAL A 44 -1.72 4.04 -2.96
C VAL A 44 -0.55 4.94 -2.56
N LEU A 45 0.01 4.67 -1.38
CA LEU A 45 1.13 5.46 -0.87
C LEU A 45 2.34 5.32 -1.79
N GLU A 46 2.67 4.08 -2.15
CA GLU A 46 3.81 3.81 -3.02
C GLU A 46 3.70 4.61 -4.32
N ALA A 47 2.64 4.34 -5.08
CA ALA A 47 2.41 5.03 -6.34
C ALA A 47 2.55 6.55 -6.17
N LYS A 48 1.69 7.12 -5.35
CA LYS A 48 1.70 8.56 -5.09
C LYS A 48 3.08 9.00 -4.60
N ARG A 49 3.87 8.05 -4.13
CA ARG A 49 5.20 8.35 -3.62
C ARG A 49 6.24 8.29 -4.75
N LYS A 50 6.04 7.36 -5.67
CA LYS A 50 6.95 7.20 -6.81
C LYS A 50 6.42 7.94 -8.03
N LYS A 51 5.21 8.48 -7.93
CA LYS A 51 4.60 9.21 -9.02
C LYS A 51 4.79 10.71 -8.84
N GLN A 52 4.82 11.15 -7.58
CA GLN A 52 5.00 12.56 -7.27
C GLN A 52 6.33 13.08 -7.80
N LEU A 53 7.32 12.20 -7.87
CA LEU A 53 8.65 12.56 -8.36
C LEU A 53 8.54 13.49 -9.57
N GLU A 54 8.94 14.75 -9.37
CA GLU A 54 8.89 15.74 -10.44
C GLU A 54 10.19 15.74 -11.24
N SER A 55 10.07 15.76 -12.56
CA SER A 55 11.23 15.77 -13.43
C SER A 55 10.96 16.56 -14.71
N GLY A 56 12.02 17.07 -15.33
CA GLY A 56 11.88 17.85 -16.54
C GLY A 56 12.42 19.26 -16.39
N PRO A 57 12.01 20.15 -17.31
CA PRO A 57 12.45 21.55 -17.31
C PRO A 57 11.86 22.34 -16.13
N SER A 58 10.98 21.69 -15.38
CA SER A 58 10.35 22.33 -14.23
C SER A 58 10.59 21.54 -12.96
N SER A 59 10.89 22.24 -11.87
CA SER A 59 11.15 21.60 -10.60
C SER A 59 10.59 22.43 -9.44
N GLY A 60 9.88 21.77 -8.53
CA GLY A 60 9.30 22.45 -7.40
C GLY A 60 8.26 21.61 -6.68
N GLY A 1 9.01 -1.04 8.53
CA GLY A 1 9.42 -0.82 9.90
C GLY A 1 8.90 -1.91 10.84
N SER A 2 9.80 -2.45 11.64
CA SER A 2 9.44 -3.51 12.59
C SER A 2 8.47 -2.99 13.64
N SER A 3 8.90 -1.98 14.39
CA SER A 3 8.08 -1.39 15.44
C SER A 3 6.79 -0.82 14.85
N GLY A 4 5.66 -1.29 15.36
CA GLY A 4 4.37 -0.82 14.88
C GLY A 4 3.38 -1.95 14.66
N SER A 5 2.70 -2.36 15.73
CA SER A 5 1.73 -3.44 15.64
C SER A 5 0.40 -2.94 15.08
N SER A 6 -0.13 -1.88 15.70
CA SER A 6 -1.39 -1.30 15.26
C SER A 6 -1.31 -0.84 13.80
N GLY A 7 -1.98 -1.59 12.92
CA GLY A 7 -1.97 -1.24 11.51
C GLY A 7 -2.83 -0.04 11.20
N LEU A 8 -2.32 1.15 11.48
CA LEU A 8 -3.04 2.39 11.23
C LEU A 8 -3.37 2.54 9.75
N ASP A 9 -2.42 2.17 8.90
CA ASP A 9 -2.60 2.25 7.45
C ASP A 9 -3.97 1.70 7.05
N SER A 10 -4.50 2.22 5.94
CA SER A 10 -5.80 1.78 5.45
C SER A 10 -5.87 1.88 3.94
N GLU A 11 -6.96 1.39 3.36
CA GLU A 11 -7.15 1.42 1.91
C GLU A 11 -6.54 2.68 1.31
N LEU A 12 -6.80 3.82 1.94
CA LEU A 12 -6.27 5.09 1.46
C LEU A 12 -6.78 5.40 0.06
N GLU A 13 -8.05 5.11 -0.18
CA GLU A 13 -8.66 5.35 -1.49
C GLU A 13 -7.99 4.51 -2.58
N LEU A 14 -7.95 3.21 -2.36
CA LEU A 14 -7.34 2.29 -3.31
C LEU A 14 -7.89 2.52 -4.71
N PRO A 15 -7.07 2.21 -5.73
CA PRO A 15 -7.46 2.36 -7.13
C PRO A 15 -8.52 1.36 -7.56
N ALA A 16 -8.09 0.21 -8.04
CA ALA A 16 -9.01 -0.84 -8.48
C ALA A 16 -8.44 -2.22 -8.22
N GLY A 17 -9.27 -3.11 -7.69
CA GLY A 17 -8.83 -4.46 -7.41
C GLY A 17 -8.07 -4.56 -6.09
N TRP A 18 -8.49 -3.75 -5.12
CA TRP A 18 -7.84 -3.76 -3.81
C TRP A 18 -8.86 -4.02 -2.70
N GLU A 19 -8.46 -4.79 -1.71
CA GLU A 19 -9.34 -5.13 -0.59
C GLU A 19 -8.57 -5.13 0.72
N LYS A 20 -9.14 -4.49 1.74
CA LYS A 20 -8.51 -4.42 3.06
C LYS A 20 -8.98 -5.56 3.94
N ILE A 21 -8.08 -6.48 4.26
CA ILE A 21 -8.41 -7.62 5.10
C ILE A 21 -7.83 -7.45 6.50
N GLU A 22 -8.70 -7.38 7.50
CA GLU A 22 -8.27 -7.22 8.89
C GLU A 22 -8.28 -8.56 9.62
N ASP A 23 -7.11 -8.99 10.07
CA ASP A 23 -6.99 -10.25 10.80
C ASP A 23 -6.40 -10.04 12.18
N PRO A 24 -6.86 -10.83 13.15
CA PRO A 24 -6.38 -10.74 14.54
C PRO A 24 -4.94 -11.23 14.68
N VAL A 25 -4.58 -12.24 13.91
CA VAL A 25 -3.24 -12.80 13.96
C VAL A 25 -2.37 -12.23 12.84
N TYR A 26 -2.91 -12.22 11.63
CA TYR A 26 -2.19 -11.70 10.46
C TYR A 26 -2.17 -10.18 10.47
N GLY A 27 -3.24 -9.58 10.99
CA GLY A 27 -3.32 -8.13 11.03
C GLY A 27 -4.04 -7.55 9.84
N ILE A 28 -3.89 -6.25 9.64
CA ILE A 28 -4.54 -5.56 8.53
C ILE A 28 -3.62 -5.53 7.30
N TYR A 29 -4.04 -6.22 6.25
CA TYR A 29 -3.26 -6.27 5.01
C TYR A 29 -4.18 -6.23 3.79
N TYR A 30 -3.68 -5.63 2.71
CA TYR A 30 -4.46 -5.51 1.48
C TYR A 30 -4.14 -6.66 0.53
N VAL A 31 -5.18 -7.23 -0.07
CA VAL A 31 -5.01 -8.34 -1.01
C VAL A 31 -5.18 -7.87 -2.44
N ASP A 32 -4.31 -8.37 -3.32
CA ASP A 32 -4.35 -8.01 -4.73
C ASP A 32 -5.05 -9.10 -5.55
N HIS A 33 -6.29 -8.82 -5.96
CA HIS A 33 -7.05 -9.77 -6.75
C HIS A 33 -6.66 -9.71 -8.22
N ILE A 34 -5.51 -9.08 -8.50
CA ILE A 34 -5.02 -8.95 -9.86
C ILE A 34 -3.68 -9.65 -10.04
N ASN A 35 -2.91 -9.71 -8.95
CA ASN A 35 -1.60 -10.35 -8.98
C ASN A 35 -1.54 -11.50 -7.97
N ARG A 36 -2.69 -11.87 -7.44
CA ARG A 36 -2.77 -12.96 -6.45
C ARG A 36 -1.64 -12.83 -5.43
N LYS A 37 -1.52 -11.66 -4.83
CA LYS A 37 -0.49 -11.41 -3.83
C LYS A 37 -0.99 -10.45 -2.75
N THR A 38 -0.29 -10.41 -1.63
CA THR A 38 -0.65 -9.53 -0.52
C THR A 38 0.57 -8.87 0.10
N GLN A 39 0.42 -7.64 0.54
CA GLN A 39 1.52 -6.90 1.16
C GLN A 39 1.01 -5.98 2.26
N TYR A 40 1.92 -5.28 2.92
CA TYR A 40 1.56 -4.37 4.00
C TYR A 40 1.62 -2.93 3.53
N GLU A 41 2.64 -2.61 2.72
CA GLU A 41 2.80 -1.26 2.20
C GLU A 41 1.67 -0.90 1.24
N ASN A 42 0.74 -0.07 1.72
CA ASN A 42 -0.39 0.35 0.90
C ASN A 42 0.06 0.76 -0.49
N PRO A 43 -0.72 0.38 -1.51
CA PRO A 43 -0.42 0.71 -2.90
C PRO A 43 -0.58 2.20 -3.20
N VAL A 44 -1.68 2.77 -2.73
CA VAL A 44 -1.95 4.19 -2.95
C VAL A 44 -0.76 5.04 -2.55
N LEU A 45 -0.09 4.65 -1.47
CA LEU A 45 1.08 5.38 -0.98
C LEU A 45 2.27 5.20 -1.92
N GLU A 46 2.52 3.95 -2.31
CA GLU A 46 3.63 3.64 -3.20
C GLU A 46 3.50 4.42 -4.51
N ALA A 47 2.46 4.12 -5.27
CA ALA A 47 2.22 4.79 -6.55
C ALA A 47 2.32 6.31 -6.39
N LYS A 48 1.56 6.86 -5.45
CA LYS A 48 1.56 8.29 -5.21
C LYS A 48 2.92 8.76 -4.72
N ARG A 49 3.77 7.80 -4.34
CA ARG A 49 5.11 8.12 -3.84
C ARG A 49 6.13 8.06 -4.98
N LYS A 50 5.94 7.12 -5.90
CA LYS A 50 6.84 6.97 -7.03
C LYS A 50 6.34 7.76 -8.24
N LYS A 51 5.16 8.35 -8.11
CA LYS A 51 4.58 9.14 -9.18
C LYS A 51 4.86 10.63 -8.98
N GLN A 52 4.70 11.09 -7.74
CA GLN A 52 4.94 12.49 -7.42
C GLN A 52 6.38 12.88 -7.73
N LEU A 53 7.27 11.90 -7.71
CA LEU A 53 8.68 12.14 -7.99
C LEU A 53 8.86 12.94 -9.28
N GLU A 54 9.39 14.15 -9.15
CA GLU A 54 9.61 15.00 -10.31
C GLU A 54 10.84 14.55 -11.10
N SER A 55 10.68 14.45 -12.42
CA SER A 55 11.77 14.01 -13.29
C SER A 55 13.03 14.83 -13.02
N GLY A 56 13.93 14.27 -12.22
CA GLY A 56 15.16 14.96 -11.90
C GLY A 56 15.95 14.27 -10.80
N PRO A 57 17.28 14.33 -10.88
CA PRO A 57 18.16 13.72 -9.89
C PRO A 57 18.12 14.44 -8.55
N SER A 58 17.28 15.46 -8.46
CA SER A 58 17.15 16.24 -7.22
C SER A 58 17.11 15.31 -6.01
N SER A 59 17.82 15.71 -4.95
CA SER A 59 17.87 14.92 -3.73
C SER A 59 16.84 15.42 -2.72
N GLY A 60 15.64 14.85 -2.77
CA GLY A 60 14.59 15.25 -1.86
C GLY A 60 13.82 16.46 -2.35
N GLY A 1 14.36 -5.47 11.27
CA GLY A 1 13.20 -5.10 12.05
C GLY A 1 13.13 -3.62 12.33
N SER A 2 12.96 -2.81 11.27
CA SER A 2 12.90 -1.37 11.41
C SER A 2 11.51 -0.92 11.87
N SER A 3 11.47 0.00 12.82
CA SER A 3 10.21 0.50 13.35
C SER A 3 9.25 0.84 12.21
N GLY A 4 7.99 0.45 12.38
CA GLY A 4 6.99 0.71 11.36
C GLY A 4 6.37 2.09 11.50
N SER A 5 5.73 2.56 10.44
CA SER A 5 5.09 3.87 10.44
C SER A 5 4.15 4.01 11.63
N SER A 6 4.44 4.96 12.52
CA SER A 6 3.62 5.19 13.70
C SER A 6 2.21 5.60 13.29
N GLY A 7 1.30 4.62 13.26
CA GLY A 7 -0.08 4.89 12.90
C GLY A 7 -0.63 3.87 11.91
N LEU A 8 -1.75 3.26 12.28
CA LEU A 8 -2.38 2.26 11.42
C LEU A 8 -2.58 2.79 10.01
N ASP A 9 -2.81 1.89 9.07
CA ASP A 9 -3.02 2.28 7.67
C ASP A 9 -4.34 1.71 7.15
N SER A 10 -4.89 2.36 6.13
CA SER A 10 -6.15 1.92 5.54
C SER A 10 -6.07 1.92 4.01
N GLU A 11 -7.13 1.48 3.36
CA GLU A 11 -7.19 1.43 1.91
C GLU A 11 -6.54 2.67 1.30
N LEU A 12 -6.88 3.83 1.85
CA LEU A 12 -6.33 5.09 1.36
C LEU A 12 -6.76 5.35 -0.08
N GLU A 13 -8.02 5.02 -0.38
CA GLU A 13 -8.54 5.22 -1.73
C GLU A 13 -7.79 4.35 -2.74
N LEU A 14 -7.76 3.05 -2.48
CA LEU A 14 -7.08 2.12 -3.37
C LEU A 14 -7.54 2.28 -4.81
N PRO A 15 -6.67 1.94 -5.76
CA PRO A 15 -6.98 2.04 -7.19
C PRO A 15 -8.01 1.01 -7.63
N ALA A 16 -7.54 -0.16 -8.05
CA ALA A 16 -8.41 -1.22 -8.51
C ALA A 16 -7.83 -2.59 -8.17
N GLY A 17 -8.67 -3.47 -7.64
CA GLY A 17 -8.23 -4.81 -7.29
C GLY A 17 -7.57 -4.85 -5.92
N TRP A 18 -8.04 -4.01 -5.01
CA TRP A 18 -7.49 -3.96 -3.66
C TRP A 18 -8.58 -4.19 -2.62
N GLU A 19 -8.28 -5.03 -1.64
CA GLU A 19 -9.23 -5.35 -0.58
C GLU A 19 -8.55 -5.36 0.79
N LYS A 20 -9.00 -4.49 1.68
CA LYS A 20 -8.43 -4.39 3.01
C LYS A 20 -8.98 -5.49 3.92
N ILE A 21 -8.12 -6.41 4.33
CA ILE A 21 -8.52 -7.52 5.18
C ILE A 21 -7.93 -7.36 6.59
N GLU A 22 -8.80 -7.30 7.59
CA GLU A 22 -8.37 -7.17 8.97
C GLU A 22 -8.35 -8.51 9.68
N ASP A 23 -7.16 -8.93 10.11
CA ASP A 23 -7.01 -10.20 10.81
C ASP A 23 -6.41 -10.00 12.19
N PRO A 24 -6.87 -10.81 13.16
CA PRO A 24 -6.39 -10.74 14.55
C PRO A 24 -4.94 -11.20 14.69
N VAL A 25 -4.56 -12.20 13.89
CA VAL A 25 -3.20 -12.72 13.92
C VAL A 25 -2.37 -12.19 12.77
N TYR A 26 -2.96 -12.17 11.58
CA TYR A 26 -2.27 -11.67 10.39
C TYR A 26 -2.26 -10.14 10.36
N GLY A 27 -3.30 -9.54 10.94
CA GLY A 27 -3.39 -8.09 10.98
C GLY A 27 -4.11 -7.53 9.76
N ILE A 28 -4.02 -6.22 9.58
CA ILE A 28 -4.66 -5.56 8.44
C ILE A 28 -3.75 -5.54 7.22
N TYR A 29 -4.17 -6.23 6.17
CA TYR A 29 -3.39 -6.29 4.95
C TYR A 29 -4.29 -6.25 3.71
N TYR A 30 -3.80 -5.63 2.65
CA TYR A 30 -4.57 -5.51 1.41
C TYR A 30 -4.19 -6.61 0.43
N VAL A 31 -5.20 -7.29 -0.11
CA VAL A 31 -4.97 -8.37 -1.06
C VAL A 31 -5.29 -7.92 -2.48
N ASP A 32 -4.53 -8.43 -3.44
CA ASP A 32 -4.74 -8.08 -4.85
C ASP A 32 -5.51 -9.18 -5.57
N HIS A 33 -6.72 -8.85 -5.99
CA HIS A 33 -7.57 -9.81 -6.69
C HIS A 33 -7.26 -9.82 -8.19
N ILE A 34 -6.15 -9.19 -8.55
CA ILE A 34 -5.73 -9.12 -9.95
C ILE A 34 -4.37 -9.78 -10.15
N ASN A 35 -3.53 -9.70 -9.13
CA ASN A 35 -2.19 -10.28 -9.19
C ASN A 35 -2.00 -11.31 -8.09
N ARG A 36 -3.10 -11.75 -7.49
CA ARG A 36 -3.06 -12.74 -6.42
C ARG A 36 -1.83 -12.52 -5.54
N LYS A 37 -1.68 -11.31 -5.03
CA LYS A 37 -0.56 -10.97 -4.16
C LYS A 37 -1.01 -10.11 -2.99
N THR A 38 -0.22 -10.11 -1.92
CA THR A 38 -0.53 -9.33 -0.74
C THR A 38 0.72 -8.71 -0.12
N GLN A 39 0.58 -7.53 0.45
CA GLN A 39 1.70 -6.83 1.08
C GLN A 39 1.22 -5.97 2.24
N TYR A 40 2.18 -5.36 2.94
CA TYR A 40 1.85 -4.50 4.08
C TYR A 40 1.80 -3.04 3.65
N GLU A 41 2.87 -2.57 3.03
CA GLU A 41 2.94 -1.19 2.57
C GLU A 41 1.82 -0.87 1.58
N ASN A 42 0.93 0.04 1.98
CA ASN A 42 -0.19 0.42 1.14
C ASN A 42 0.28 0.79 -0.26
N PRO A 43 -0.50 0.39 -1.27
CA PRO A 43 -0.19 0.67 -2.68
C PRO A 43 -0.34 2.15 -3.02
N VAL A 44 -1.47 2.73 -2.63
CA VAL A 44 -1.74 4.14 -2.89
C VAL A 44 -0.54 5.01 -2.51
N LEU A 45 0.02 4.74 -1.34
CA LEU A 45 1.16 5.50 -0.85
C LEU A 45 2.36 5.32 -1.77
N GLU A 46 2.63 4.08 -2.16
CA GLU A 46 3.75 3.77 -3.04
C GLU A 46 3.60 4.49 -4.38
N ALA A 47 2.60 4.10 -5.15
CA ALA A 47 2.34 4.70 -6.45
C ALA A 47 2.38 6.22 -6.36
N LYS A 48 1.67 6.78 -5.39
CA LYS A 48 1.61 8.22 -5.19
C LYS A 48 2.96 8.75 -4.70
N ARG A 49 3.80 7.85 -4.22
CA ARG A 49 5.12 8.22 -3.73
C ARG A 49 6.15 8.23 -4.86
N LYS A 50 6.03 7.27 -5.76
CA LYS A 50 6.94 7.16 -6.90
C LYS A 50 6.42 7.94 -8.09
N LYS A 51 5.15 8.33 -8.03
CA LYS A 51 4.52 9.08 -9.10
C LYS A 51 4.68 10.58 -8.88
N GLN A 52 4.58 11.01 -7.62
CA GLN A 52 4.70 12.42 -7.28
C GLN A 52 5.99 13.00 -7.85
N LEU A 53 7.02 12.16 -7.95
CA LEU A 53 8.31 12.59 -8.47
C LEU A 53 8.15 13.23 -9.86
N GLU A 54 8.39 14.53 -9.93
CA GLU A 54 8.28 15.26 -11.20
C GLU A 54 9.54 15.08 -12.04
N SER A 55 9.65 13.93 -12.70
CA SER A 55 10.81 13.64 -13.54
C SER A 55 10.38 13.11 -14.90
N GLY A 56 11.36 12.91 -15.79
CA GLY A 56 11.05 12.41 -17.11
C GLY A 56 10.87 13.51 -18.12
N PRO A 57 11.18 13.21 -19.40
CA PRO A 57 11.06 14.18 -20.49
C PRO A 57 9.61 14.50 -20.82
N SER A 58 8.69 13.80 -20.17
CA SER A 58 7.27 14.02 -20.40
C SER A 58 6.51 14.13 -19.07
N SER A 59 5.32 14.70 -19.12
CA SER A 59 4.50 14.86 -17.93
C SER A 59 3.64 13.62 -17.67
N GLY A 60 2.93 13.19 -18.71
CA GLY A 60 2.08 12.02 -18.59
C GLY A 60 2.64 10.82 -19.31
N GLY A 1 6.50 -7.74 16.25
CA GLY A 1 6.19 -6.32 16.38
C GLY A 1 6.64 -5.52 15.19
N SER A 2 5.72 -4.80 14.56
CA SER A 2 6.03 -3.99 13.39
C SER A 2 5.48 -2.57 13.56
N SER A 3 5.65 -2.02 14.76
CA SER A 3 5.18 -0.67 15.04
C SER A 3 5.97 0.37 14.27
N GLY A 4 5.28 1.36 13.71
CA GLY A 4 5.94 2.39 12.96
C GLY A 4 5.28 2.63 11.60
N SER A 5 5.51 1.70 10.68
CA SER A 5 4.94 1.81 9.33
C SER A 5 3.45 1.54 9.36
N SER A 6 3.06 0.45 10.00
CA SER A 6 1.65 0.07 10.09
C SER A 6 0.94 0.85 11.19
N GLY A 7 -0.37 0.99 11.07
CA GLY A 7 -1.14 1.71 12.07
C GLY A 7 -2.28 2.51 11.47
N LEU A 8 -1.99 3.74 11.07
CA LEU A 8 -2.99 4.61 10.48
C LEU A 8 -3.07 4.41 8.97
N ASP A 9 -2.83 3.17 8.54
CA ASP A 9 -2.87 2.84 7.11
C ASP A 9 -4.18 2.13 6.75
N SER A 10 -4.63 2.33 5.52
CA SER A 10 -5.87 1.72 5.06
C SER A 10 -5.97 1.77 3.53
N GLU A 11 -7.07 1.25 3.00
CA GLU A 11 -7.28 1.23 1.56
C GLU A 11 -6.76 2.52 0.92
N LEU A 12 -7.14 3.66 1.49
CA LEU A 12 -6.72 4.96 0.98
C LEU A 12 -7.23 5.17 -0.45
N GLU A 13 -8.47 4.80 -0.68
CA GLU A 13 -9.08 4.96 -2.00
C GLU A 13 -8.36 4.10 -3.03
N LEU A 14 -8.23 2.81 -2.74
CA LEU A 14 -7.57 1.87 -3.64
C LEU A 14 -8.13 1.98 -5.05
N PRO A 15 -7.30 1.65 -6.04
CA PRO A 15 -7.69 1.70 -7.45
C PRO A 15 -8.71 0.62 -7.81
N ALA A 16 -8.21 -0.54 -8.24
CA ALA A 16 -9.07 -1.65 -8.61
C ALA A 16 -8.42 -2.98 -8.28
N GLY A 17 -9.20 -3.88 -7.67
CA GLY A 17 -8.68 -5.19 -7.32
C GLY A 17 -7.96 -5.17 -5.97
N TRP A 18 -8.41 -4.32 -5.07
CA TRP A 18 -7.81 -4.20 -3.75
C TRP A 18 -8.84 -4.44 -2.66
N GLU A 19 -8.45 -5.19 -1.63
CA GLU A 19 -9.35 -5.50 -0.52
C GLU A 19 -8.60 -5.44 0.80
N LYS A 20 -9.02 -4.52 1.67
CA LYS A 20 -8.39 -4.36 2.98
C LYS A 20 -8.88 -5.43 3.95
N ILE A 21 -8.02 -6.39 4.26
CA ILE A 21 -8.37 -7.47 5.18
C ILE A 21 -7.73 -7.25 6.54
N GLU A 22 -8.57 -7.18 7.59
CA GLU A 22 -8.07 -6.98 8.94
C GLU A 22 -8.03 -8.30 9.71
N ASP A 23 -6.82 -8.70 10.11
CA ASP A 23 -6.64 -9.94 10.86
C ASP A 23 -6.02 -9.67 12.23
N PRO A 24 -6.43 -10.46 13.23
CA PRO A 24 -5.94 -10.32 14.60
C PRO A 24 -4.48 -10.75 14.73
N VAL A 25 -4.08 -11.75 13.95
CA VAL A 25 -2.72 -12.24 13.97
C VAL A 25 -1.91 -11.71 12.80
N TYR A 26 -2.51 -11.76 11.61
CA TYR A 26 -1.84 -11.28 10.41
C TYR A 26 -1.88 -9.76 10.33
N GLY A 27 -2.94 -9.17 10.85
CA GLY A 27 -3.08 -7.73 10.84
C GLY A 27 -3.84 -7.23 9.63
N ILE A 28 -3.73 -5.93 9.36
CA ILE A 28 -4.42 -5.33 8.22
C ILE A 28 -3.55 -5.36 6.97
N TYR A 29 -4.01 -6.09 5.96
CA TYR A 29 -3.26 -6.21 4.71
C TYR A 29 -4.21 -6.19 3.51
N TYR A 30 -3.73 -5.66 2.39
CA TYR A 30 -4.53 -5.58 1.18
C TYR A 30 -4.23 -6.76 0.26
N VAL A 31 -5.30 -7.44 -0.19
CA VAL A 31 -5.15 -8.58 -1.08
C VAL A 31 -5.62 -8.25 -2.50
N ASP A 32 -4.86 -8.70 -3.49
CA ASP A 32 -5.20 -8.46 -4.88
C ASP A 32 -5.89 -9.66 -5.50
N HIS A 33 -7.22 -9.61 -5.56
CA HIS A 33 -8.00 -10.70 -6.14
C HIS A 33 -7.68 -10.88 -7.61
N ILE A 34 -6.89 -9.97 -8.16
CA ILE A 34 -6.50 -10.04 -9.57
C ILE A 34 -5.01 -10.29 -9.71
N ASN A 35 -4.20 -9.44 -9.11
CA ASN A 35 -2.75 -9.58 -9.17
C ASN A 35 -2.28 -10.78 -8.36
N ARG A 36 -3.08 -11.17 -7.38
CA ARG A 36 -2.75 -12.31 -6.53
C ARG A 36 -1.51 -12.03 -5.70
N LYS A 37 -1.51 -10.91 -5.00
CA LYS A 37 -0.39 -10.52 -4.16
C LYS A 37 -0.86 -9.82 -2.89
N THR A 38 -0.08 -9.93 -1.82
CA THR A 38 -0.42 -9.32 -0.55
C THR A 38 0.82 -8.76 0.14
N GLN A 39 0.78 -7.47 0.48
CA GLN A 39 1.90 -6.82 1.14
C GLN A 39 1.40 -5.73 2.09
N TYR A 40 2.26 -5.35 3.03
CA TYR A 40 1.90 -4.31 4.00
C TYR A 40 1.88 -2.95 3.36
N GLU A 41 2.85 -2.68 2.48
CA GLU A 41 2.94 -1.41 1.79
C GLU A 41 1.69 -1.14 0.96
N ASN A 42 0.99 -0.07 1.28
CA ASN A 42 -0.23 0.28 0.57
C ASN A 42 0.08 0.70 -0.87
N PRO A 43 -0.80 0.31 -1.80
CA PRO A 43 -0.63 0.64 -3.23
C PRO A 43 -0.84 2.12 -3.51
N VAL A 44 -1.96 2.66 -3.03
CA VAL A 44 -2.27 4.07 -3.23
C VAL A 44 -1.13 4.96 -2.76
N LEU A 45 -0.48 4.55 -1.67
CA LEU A 45 0.64 5.32 -1.12
C LEU A 45 1.87 5.20 -2.01
N GLU A 46 2.39 3.98 -2.12
CA GLU A 46 3.57 3.73 -2.95
C GLU A 46 3.53 4.57 -4.23
N ALA A 47 2.46 4.40 -5.00
CA ALA A 47 2.30 5.14 -6.25
C ALA A 47 2.58 6.62 -6.05
N LYS A 48 1.75 7.27 -5.24
CA LYS A 48 1.90 8.70 -4.97
C LYS A 48 3.27 8.99 -4.35
N ARG A 49 3.94 7.94 -3.91
CA ARG A 49 5.27 8.09 -3.31
C ARG A 49 6.36 7.97 -4.36
N LYS A 50 6.09 7.19 -5.41
CA LYS A 50 7.06 7.00 -6.49
C LYS A 50 6.80 8.00 -7.62
N LYS A 51 5.71 8.74 -7.51
CA LYS A 51 5.36 9.73 -8.53
C LYS A 51 5.77 11.13 -8.10
N GLN A 52 5.49 11.47 -6.84
CA GLN A 52 5.83 12.78 -6.30
C GLN A 52 7.29 13.12 -6.59
N LEU A 53 8.13 12.09 -6.68
CA LEU A 53 9.55 12.29 -6.96
C LEU A 53 9.75 13.20 -8.17
N GLU A 54 10.35 14.37 -7.93
CA GLU A 54 10.60 15.33 -9.00
C GLU A 54 12.08 15.37 -9.36
N SER A 55 12.78 14.27 -9.08
CA SER A 55 14.21 14.18 -9.36
C SER A 55 14.45 14.06 -10.87
N GLY A 56 13.96 12.97 -11.45
CA GLY A 56 14.14 12.76 -12.88
C GLY A 56 13.74 11.36 -13.31
N PRO A 57 14.75 10.53 -13.64
CA PRO A 57 14.54 9.15 -14.08
C PRO A 57 14.05 8.26 -12.94
N SER A 58 12.74 8.12 -12.82
CA SER A 58 12.14 7.30 -11.77
C SER A 58 12.17 5.82 -12.17
N SER A 59 12.08 4.96 -11.17
CA SER A 59 12.10 3.52 -11.40
C SER A 59 10.74 3.03 -11.91
N GLY A 60 10.74 2.43 -13.09
CA GLY A 60 9.51 1.92 -13.67
C GLY A 60 9.75 1.06 -14.88
N GLY A 1 13.48 6.61 17.11
CA GLY A 1 14.71 6.87 16.38
C GLY A 1 14.46 7.07 14.90
N SER A 2 14.85 6.09 14.09
CA SER A 2 14.67 6.18 12.64
C SER A 2 13.22 5.91 12.26
N SER A 3 12.70 4.77 12.69
CA SER A 3 11.32 4.40 12.39
C SER A 3 10.36 5.52 12.75
N GLY A 4 9.57 5.96 11.78
CA GLY A 4 8.61 7.03 12.01
C GLY A 4 7.46 7.00 11.03
N SER A 5 6.81 8.14 10.85
CA SER A 5 5.69 8.25 9.94
C SER A 5 4.80 7.01 10.02
N SER A 6 4.58 6.53 11.24
CA SER A 6 3.75 5.35 11.47
C SER A 6 2.60 5.67 12.41
N GLY A 7 1.59 4.80 12.43
CA GLY A 7 0.44 4.99 13.29
C GLY A 7 -0.83 4.43 12.69
N LEU A 8 -1.39 5.16 11.74
CA LEU A 8 -2.63 4.73 11.08
C LEU A 8 -2.36 4.27 9.66
N ASP A 9 -3.26 3.45 9.12
CA ASP A 9 -3.12 2.94 7.76
C ASP A 9 -4.39 2.24 7.31
N SER A 10 -4.83 2.53 6.10
CA SER A 10 -6.04 1.93 5.55
C SER A 10 -6.03 1.98 4.03
N GLU A 11 -7.09 1.44 3.42
CA GLU A 11 -7.21 1.42 1.97
C GLU A 11 -6.62 2.70 1.36
N LEU A 12 -6.96 3.84 1.95
CA LEU A 12 -6.48 5.13 1.48
C LEU A 12 -6.96 5.40 0.06
N GLU A 13 -8.21 5.04 -0.22
CA GLU A 13 -8.78 5.26 -1.55
C GLU A 13 -8.05 4.42 -2.59
N LEU A 14 -7.96 3.12 -2.35
CA LEU A 14 -7.28 2.21 -3.27
C LEU A 14 -7.81 2.40 -4.69
N PRO A 15 -6.94 2.10 -5.67
CA PRO A 15 -7.29 2.21 -7.09
C PRO A 15 -8.31 1.17 -7.53
N ALA A 16 -7.83 0.02 -7.99
CA ALA A 16 -8.70 -1.06 -8.43
C ALA A 16 -8.07 -2.42 -8.15
N GLY A 17 -8.87 -3.33 -7.61
CA GLY A 17 -8.38 -4.66 -7.29
C GLY A 17 -7.70 -4.72 -5.93
N TRP A 18 -8.16 -3.90 -5.00
CA TRP A 18 -7.59 -3.86 -3.66
C TRP A 18 -8.66 -4.12 -2.60
N GLU A 19 -8.30 -4.92 -1.61
CA GLU A 19 -9.23 -5.26 -0.53
C GLU A 19 -8.52 -5.27 0.82
N LYS A 20 -9.00 -4.46 1.75
CA LYS A 20 -8.41 -4.38 3.08
C LYS A 20 -8.95 -5.49 3.98
N ILE A 21 -8.08 -6.44 4.30
CA ILE A 21 -8.47 -7.56 5.16
C ILE A 21 -7.86 -7.42 6.56
N GLU A 22 -8.73 -7.34 7.56
CA GLU A 22 -8.28 -7.20 8.95
C GLU A 22 -8.28 -8.55 9.65
N ASP A 23 -7.10 -8.98 10.08
CA ASP A 23 -6.97 -10.26 10.77
C ASP A 23 -6.37 -10.05 12.17
N PRO A 24 -6.83 -10.88 13.12
CA PRO A 24 -6.36 -10.81 14.52
C PRO A 24 -4.92 -11.28 14.66
N VAL A 25 -4.53 -12.26 13.86
CA VAL A 25 -3.18 -12.80 13.89
C VAL A 25 -2.34 -12.26 12.74
N TYR A 26 -2.92 -12.24 11.55
CA TYR A 26 -2.23 -11.75 10.37
C TYR A 26 -2.21 -10.22 10.34
N GLY A 27 -3.25 -9.61 10.90
CA GLY A 27 -3.34 -8.17 10.93
C GLY A 27 -4.05 -7.60 9.73
N ILE A 28 -3.91 -6.30 9.50
CA ILE A 28 -4.55 -5.64 8.37
C ILE A 28 -3.64 -5.63 7.15
N TYR A 29 -4.07 -6.31 6.10
CA TYR A 29 -3.28 -6.39 4.86
C TYR A 29 -4.19 -6.24 3.64
N TYR A 30 -3.62 -5.75 2.55
CA TYR A 30 -4.36 -5.55 1.31
C TYR A 30 -4.03 -6.64 0.30
N VAL A 31 -5.07 -7.26 -0.25
CA VAL A 31 -4.90 -8.33 -1.23
C VAL A 31 -5.25 -7.84 -2.63
N ASP A 32 -4.42 -8.21 -3.60
CA ASP A 32 -4.64 -7.81 -4.99
C ASP A 32 -5.30 -8.94 -5.78
N HIS A 33 -6.55 -8.74 -6.16
CA HIS A 33 -7.28 -9.74 -6.92
C HIS A 33 -6.93 -9.67 -8.41
N ILE A 34 -5.84 -8.97 -8.72
CA ILE A 34 -5.40 -8.82 -10.10
C ILE A 34 -4.04 -9.47 -10.31
N ASN A 35 -3.22 -9.48 -9.26
CA ASN A 35 -1.89 -10.07 -9.34
C ASN A 35 -1.70 -11.11 -8.24
N ARG A 36 -2.71 -11.27 -7.39
CA ARG A 36 -2.66 -12.24 -6.30
C ARG A 36 -1.49 -11.92 -5.37
N LYS A 37 -1.37 -10.65 -4.99
CA LYS A 37 -0.29 -10.23 -4.09
C LYS A 37 -0.85 -9.68 -2.78
N THR A 38 -0.10 -9.84 -1.71
CA THR A 38 -0.52 -9.36 -0.40
C THR A 38 0.66 -8.82 0.40
N GLN A 39 0.62 -7.54 0.72
CA GLN A 39 1.68 -6.90 1.48
C GLN A 39 1.12 -5.83 2.42
N TYR A 40 1.90 -5.48 3.43
CA TYR A 40 1.48 -4.46 4.39
C TYR A 40 1.46 -3.08 3.76
N GLU A 41 2.63 -2.62 3.31
CA GLU A 41 2.73 -1.31 2.68
C GLU A 41 1.54 -1.04 1.77
N ASN A 42 0.92 0.12 1.94
CA ASN A 42 -0.24 0.50 1.14
C ASN A 42 0.19 0.88 -0.28
N PRO A 43 -0.62 0.47 -1.27
CA PRO A 43 -0.34 0.76 -2.68
C PRO A 43 -0.52 2.24 -3.02
N VAL A 44 -1.65 2.81 -2.58
CA VAL A 44 -1.94 4.21 -2.83
C VAL A 44 -0.75 5.09 -2.47
N LEU A 45 -0.10 4.78 -1.36
CA LEU A 45 1.05 5.55 -0.90
C LEU A 45 2.26 5.28 -1.79
N GLU A 46 2.52 4.01 -2.09
CA GLU A 46 3.64 3.64 -2.93
C GLU A 46 3.55 4.32 -4.29
N ALA A 47 2.53 3.96 -5.06
CA ALA A 47 2.33 4.53 -6.39
C ALA A 47 2.44 6.06 -6.34
N LYS A 48 1.62 6.67 -5.50
CA LYS A 48 1.62 8.12 -5.36
C LYS A 48 2.98 8.63 -4.89
N ARG A 49 3.78 7.73 -4.36
CA ARG A 49 5.11 8.08 -3.88
C ARG A 49 6.16 7.92 -4.98
N LYS A 50 5.95 6.95 -5.86
CA LYS A 50 6.86 6.70 -6.96
C LYS A 50 6.38 7.40 -8.23
N LYS A 51 5.14 7.88 -8.20
CA LYS A 51 4.56 8.57 -9.36
C LYS A 51 4.76 10.07 -9.25
N GLN A 52 4.48 10.62 -8.07
CA GLN A 52 4.62 12.05 -7.83
C GLN A 52 6.04 12.52 -8.16
N LEU A 53 7.01 11.61 -7.99
CA LEU A 53 8.40 11.93 -8.27
C LEU A 53 8.52 12.84 -9.49
N GLU A 54 8.97 14.07 -9.27
CA GLU A 54 9.13 15.04 -10.35
C GLU A 54 10.60 15.24 -10.67
N SER A 55 11.44 15.25 -9.64
CA SER A 55 12.87 15.43 -9.82
C SER A 55 13.63 14.13 -9.60
N GLY A 56 14.73 13.96 -10.32
CA GLY A 56 15.52 12.75 -10.18
C GLY A 56 16.89 12.88 -10.82
N PRO A 57 17.05 12.29 -12.01
CA PRO A 57 18.31 12.33 -12.75
C PRO A 57 18.64 13.72 -13.29
N SER A 58 19.91 14.06 -13.32
CA SER A 58 20.35 15.37 -13.80
C SER A 58 19.35 16.45 -13.43
N SER A 59 18.73 16.30 -12.26
CA SER A 59 17.74 17.25 -11.78
C SER A 59 18.14 18.69 -12.16
N GLY A 60 19.36 19.07 -11.76
CA GLY A 60 19.84 20.41 -12.06
C GLY A 60 20.92 20.86 -11.12
N GLY A 1 9.47 -5.79 19.55
CA GLY A 1 8.45 -6.48 18.78
C GLY A 1 8.52 -6.16 17.30
N SER A 2 7.73 -6.87 16.50
CA SER A 2 7.71 -6.66 15.06
C SER A 2 7.45 -5.19 14.73
N SER A 3 8.37 -4.59 14.00
CA SER A 3 8.25 -3.18 13.62
C SER A 3 8.13 -3.04 12.11
N GLY A 4 7.31 -2.08 11.67
CA GLY A 4 7.12 -1.86 10.25
C GLY A 4 6.78 -0.41 9.93
N SER A 5 5.94 -0.22 8.92
CA SER A 5 5.54 1.13 8.51
C SER A 5 5.14 1.97 9.72
N SER A 6 5.08 3.28 9.53
CA SER A 6 4.71 4.19 10.60
C SER A 6 3.24 4.01 11.00
N GLY A 7 3.00 3.90 12.29
CA GLY A 7 1.63 3.72 12.78
C GLY A 7 0.85 2.72 11.96
N LEU A 8 -0.46 2.88 11.92
CA LEU A 8 -1.32 1.98 11.16
C LEU A 8 -1.74 2.61 9.83
N ASP A 9 -1.94 1.76 8.83
CA ASP A 9 -2.34 2.24 7.51
C ASP A 9 -3.70 1.66 7.12
N SER A 10 -4.23 2.10 5.98
CA SER A 10 -5.52 1.64 5.50
C SER A 10 -5.62 1.75 3.99
N GLU A 11 -6.74 1.32 3.43
CA GLU A 11 -6.95 1.37 1.99
C GLU A 11 -6.36 2.64 1.39
N LEU A 12 -6.67 3.78 2.02
CA LEU A 12 -6.17 5.07 1.55
C LEU A 12 -6.67 5.37 0.15
N GLU A 13 -7.94 5.05 -0.11
CA GLU A 13 -8.53 5.29 -1.42
C GLU A 13 -7.84 4.47 -2.50
N LEU A 14 -7.78 3.16 -2.29
CA LEU A 14 -7.14 2.26 -3.24
C LEU A 14 -7.68 2.49 -4.65
N PRO A 15 -6.85 2.17 -5.66
CA PRO A 15 -7.23 2.34 -7.07
C PRO A 15 -8.28 1.33 -7.50
N ALA A 16 -7.83 0.18 -7.99
CA ALA A 16 -8.74 -0.86 -8.44
C ALA A 16 -8.16 -2.25 -8.19
N GLY A 17 -8.99 -3.15 -7.67
CA GLY A 17 -8.54 -4.50 -7.39
C GLY A 17 -7.82 -4.61 -6.05
N TRP A 18 -8.25 -3.80 -5.09
CA TRP A 18 -7.65 -3.80 -3.77
C TRP A 18 -8.70 -4.06 -2.70
N GLU A 19 -8.36 -4.93 -1.74
CA GLU A 19 -9.28 -5.27 -0.66
C GLU A 19 -8.56 -5.26 0.69
N LYS A 20 -9.01 -4.39 1.58
CA LYS A 20 -8.40 -4.29 2.91
C LYS A 20 -8.94 -5.36 3.84
N ILE A 21 -8.09 -6.34 4.16
CA ILE A 21 -8.48 -7.43 5.05
C ILE A 21 -7.90 -7.24 6.44
N GLU A 22 -8.77 -7.22 7.45
CA GLU A 22 -8.34 -7.05 8.82
C GLU A 22 -8.39 -8.37 9.58
N ASP A 23 -7.23 -8.83 10.04
CA ASP A 23 -7.14 -10.09 10.78
C ASP A 23 -6.58 -9.86 12.18
N PRO A 24 -7.09 -10.62 13.16
CA PRO A 24 -6.65 -10.52 14.55
C PRO A 24 -5.23 -11.03 14.76
N VAL A 25 -4.87 -12.07 14.00
CA VAL A 25 -3.54 -12.66 14.09
C VAL A 25 -2.64 -12.15 12.98
N TYR A 26 -3.16 -12.14 11.76
CA TYR A 26 -2.41 -11.69 10.60
C TYR A 26 -2.34 -10.15 10.56
N GLY A 27 -3.40 -9.51 11.04
CA GLY A 27 -3.44 -8.07 11.05
C GLY A 27 -4.12 -7.50 9.82
N ILE A 28 -3.98 -6.19 9.61
CA ILE A 28 -4.58 -5.53 8.45
C ILE A 28 -3.65 -5.56 7.25
N TYR A 29 -4.08 -6.23 6.19
CA TYR A 29 -3.29 -6.34 4.97
C TYR A 29 -4.18 -6.24 3.74
N TYR A 30 -3.63 -5.67 2.67
CA TYR A 30 -4.37 -5.52 1.42
C TYR A 30 -4.09 -6.67 0.47
N VAL A 31 -5.16 -7.30 -0.02
CA VAL A 31 -5.03 -8.42 -0.94
C VAL A 31 -5.29 -7.99 -2.37
N ASP A 32 -4.46 -8.46 -3.29
CA ASP A 32 -4.61 -8.13 -4.70
C ASP A 32 -5.39 -9.21 -5.44
N HIS A 33 -6.48 -8.80 -6.10
CA HIS A 33 -7.31 -9.74 -6.84
C HIS A 33 -6.91 -9.78 -8.31
N ILE A 34 -5.71 -9.29 -8.60
CA ILE A 34 -5.20 -9.27 -9.97
C ILE A 34 -3.90 -10.05 -10.08
N ASN A 35 -2.97 -9.76 -9.17
CA ASN A 35 -1.67 -10.44 -9.17
C ASN A 35 -1.68 -11.60 -8.18
N ARG A 36 -2.80 -11.81 -7.52
CA ARG A 36 -2.93 -12.88 -6.54
C ARG A 36 -1.79 -12.84 -5.53
N LYS A 37 -1.61 -11.68 -4.91
CA LYS A 37 -0.56 -11.48 -3.92
C LYS A 37 -1.02 -10.55 -2.82
N THR A 38 -0.26 -10.50 -1.72
CA THR A 38 -0.58 -9.64 -0.59
C THR A 38 0.67 -9.02 0.00
N GLN A 39 0.54 -7.79 0.50
CA GLN A 39 1.67 -7.08 1.10
C GLN A 39 1.19 -6.14 2.20
N TYR A 40 2.14 -5.57 2.93
CA TYR A 40 1.83 -4.64 4.01
C TYR A 40 1.82 -3.20 3.51
N GLU A 41 2.89 -2.81 2.82
CA GLU A 41 3.01 -1.46 2.28
C GLU A 41 1.83 -1.14 1.37
N ASN A 42 1.05 -0.13 1.75
CA ASN A 42 -0.11 0.28 0.96
C ASN A 42 0.32 0.69 -0.44
N PRO A 43 -0.50 0.31 -1.44
CA PRO A 43 -0.23 0.63 -2.84
C PRO A 43 -0.41 2.12 -3.15
N VAL A 44 -1.49 2.69 -2.63
CA VAL A 44 -1.78 4.11 -2.84
C VAL A 44 -0.58 4.97 -2.48
N LEU A 45 0.05 4.65 -1.35
CA LEU A 45 1.22 5.39 -0.89
C LEU A 45 2.39 5.24 -1.86
N GLU A 46 2.63 4.00 -2.29
CA GLU A 46 3.73 3.73 -3.22
C GLU A 46 3.53 4.49 -4.52
N ALA A 47 2.49 4.13 -5.27
CA ALA A 47 2.19 4.78 -6.53
C ALA A 47 2.24 6.29 -6.40
N LYS A 48 1.55 6.82 -5.39
CA LYS A 48 1.51 8.26 -5.15
C LYS A 48 2.88 8.76 -4.69
N ARG A 49 3.75 7.84 -4.32
CA ARG A 49 5.10 8.19 -3.87
C ARG A 49 6.08 8.20 -5.03
N LYS A 50 5.91 7.25 -5.95
CA LYS A 50 6.79 7.16 -7.11
C LYS A 50 6.24 7.98 -8.27
N LYS A 51 5.03 8.51 -8.11
CA LYS A 51 4.40 9.31 -9.14
C LYS A 51 4.54 10.80 -8.82
N GLN A 52 4.42 11.14 -7.54
CA GLN A 52 4.54 12.53 -7.12
C GLN A 52 5.83 13.16 -7.65
N LEU A 53 6.85 12.33 -7.83
CA LEU A 53 8.13 12.81 -8.34
C LEU A 53 8.02 13.25 -9.80
N GLU A 54 8.23 14.54 -10.03
CA GLU A 54 8.15 15.09 -11.39
C GLU A 54 9.06 14.31 -12.34
N SER A 55 8.57 14.07 -13.54
CA SER A 55 9.33 13.34 -14.55
C SER A 55 9.71 14.24 -15.72
N GLY A 56 11.01 14.38 -15.95
CA GLY A 56 11.48 15.21 -17.04
C GLY A 56 13.00 15.37 -17.03
N PRO A 57 13.53 16.01 -18.08
CA PRO A 57 14.97 16.24 -18.23
C PRO A 57 15.50 17.26 -17.22
N SER A 58 14.58 17.84 -16.44
CA SER A 58 14.96 18.83 -15.44
C SER A 58 16.31 18.49 -14.81
N SER A 59 16.39 17.30 -14.22
CA SER A 59 17.62 16.85 -13.57
C SER A 59 18.22 15.66 -14.31
N GLY A 60 19.54 15.66 -14.48
CA GLY A 60 20.21 14.57 -15.17
C GLY A 60 20.46 14.88 -16.63
N GLY A 1 2.73 -7.04 23.56
CA GLY A 1 2.92 -7.90 22.40
C GLY A 1 4.31 -7.76 21.80
N SER A 2 4.36 -7.58 20.49
CA SER A 2 5.62 -7.43 19.78
C SER A 2 5.91 -5.96 19.48
N SER A 3 7.19 -5.63 19.30
CA SER A 3 7.59 -4.26 19.01
C SER A 3 8.45 -4.21 17.75
N GLY A 4 8.06 -3.36 16.81
CA GLY A 4 8.80 -3.23 15.57
C GLY A 4 8.55 -1.90 14.89
N SER A 5 7.52 -1.85 14.05
CA SER A 5 7.19 -0.63 13.31
C SER A 5 5.74 -0.23 13.59
N SER A 6 5.56 0.74 14.49
CA SER A 6 4.23 1.22 14.84
C SER A 6 3.66 2.10 13.73
N GLY A 7 2.33 2.06 13.57
CA GLY A 7 1.69 2.86 12.56
C GLY A 7 1.08 2.02 11.45
N LEU A 8 -0.25 1.96 11.41
CA LEU A 8 -0.95 1.18 10.41
C LEU A 8 -1.61 2.10 9.37
N ASP A 9 -1.95 1.53 8.22
CA ASP A 9 -2.59 2.28 7.15
C ASP A 9 -3.90 1.62 6.73
N SER A 10 -4.63 2.30 5.86
CA SER A 10 -5.92 1.79 5.37
C SER A 10 -5.97 1.84 3.85
N GLU A 11 -7.11 1.41 3.29
CA GLU A 11 -7.29 1.40 1.85
C GLU A 11 -6.76 2.69 1.23
N LEU A 12 -7.14 3.82 1.81
CA LEU A 12 -6.70 5.13 1.31
C LEU A 12 -7.19 5.35 -0.11
N GLU A 13 -8.43 4.98 -0.38
CA GLU A 13 -9.02 5.15 -1.71
C GLU A 13 -8.27 4.31 -2.74
N LEU A 14 -8.15 3.02 -2.47
CA LEU A 14 -7.46 2.10 -3.37
C LEU A 14 -7.98 2.24 -4.79
N PRO A 15 -7.13 1.94 -5.78
CA PRO A 15 -7.49 2.02 -7.20
C PRO A 15 -8.49 0.94 -7.61
N ALA A 16 -7.99 -0.20 -8.05
CA ALA A 16 -8.83 -1.31 -8.46
C ALA A 16 -8.18 -2.65 -8.14
N GLY A 17 -8.97 -3.56 -7.59
CA GLY A 17 -8.46 -4.87 -7.24
C GLY A 17 -7.79 -4.89 -5.88
N TRP A 18 -8.26 -4.05 -4.97
CA TRP A 18 -7.70 -3.97 -3.63
C TRP A 18 -8.77 -4.22 -2.57
N GLU A 19 -8.42 -5.02 -1.57
CA GLU A 19 -9.36 -5.33 -0.49
C GLU A 19 -8.65 -5.32 0.86
N LYS A 20 -9.14 -4.47 1.77
CA LYS A 20 -8.55 -4.37 3.10
C LYS A 20 -9.02 -5.51 3.98
N ILE A 21 -8.09 -6.40 4.35
CA ILE A 21 -8.42 -7.54 5.20
C ILE A 21 -7.78 -7.39 6.57
N GLU A 22 -8.61 -7.28 7.61
CA GLU A 22 -8.12 -7.14 8.98
C GLU A 22 -8.12 -8.49 9.70
N ASP A 23 -6.94 -8.93 10.11
CA ASP A 23 -6.81 -10.20 10.82
C ASP A 23 -6.17 -9.99 12.19
N PRO A 24 -6.61 -10.81 13.16
CA PRO A 24 -6.09 -10.74 14.53
C PRO A 24 -4.64 -11.21 14.64
N VAL A 25 -4.28 -12.16 13.79
CA VAL A 25 -2.93 -12.71 13.78
C VAL A 25 -2.13 -12.17 12.59
N TYR A 26 -2.74 -12.18 11.43
CA TYR A 26 -2.09 -11.70 10.21
C TYR A 26 -2.07 -10.18 10.16
N GLY A 27 -3.07 -9.57 10.79
CA GLY A 27 -3.16 -8.12 10.81
C GLY A 27 -3.88 -7.56 9.60
N ILE A 28 -3.85 -6.24 9.46
CA ILE A 28 -4.51 -5.58 8.33
C ILE A 28 -3.61 -5.58 7.10
N TYR A 29 -4.07 -6.22 6.03
CA TYR A 29 -3.31 -6.30 4.79
C TYR A 29 -4.23 -6.22 3.58
N TYR A 30 -3.72 -5.67 2.49
CA TYR A 30 -4.49 -5.53 1.27
C TYR A 30 -4.17 -6.66 0.29
N VAL A 31 -5.21 -7.35 -0.18
CA VAL A 31 -5.05 -8.44 -1.12
C VAL A 31 -5.39 -8.01 -2.54
N ASP A 32 -4.59 -8.45 -3.50
CA ASP A 32 -4.81 -8.10 -4.91
C ASP A 32 -5.50 -9.25 -5.64
N HIS A 33 -6.78 -9.08 -5.92
CA HIS A 33 -7.55 -10.10 -6.63
C HIS A 33 -7.08 -10.23 -8.07
N ILE A 34 -6.14 -9.39 -8.46
CA ILE A 34 -5.59 -9.42 -9.82
C ILE A 34 -4.10 -9.76 -9.81
N ASN A 35 -3.35 -9.07 -8.96
CA ASN A 35 -1.91 -9.30 -8.86
C ASN A 35 -1.62 -10.52 -8.00
N ARG A 36 -2.68 -11.15 -7.49
CA ARG A 36 -2.53 -12.33 -6.65
C ARG A 36 -1.38 -12.17 -5.67
N LYS A 37 -1.38 -11.06 -4.93
CA LYS A 37 -0.32 -10.77 -3.96
C LYS A 37 -0.89 -10.04 -2.76
N THR A 38 -0.16 -10.09 -1.64
CA THR A 38 -0.58 -9.42 -0.42
C THR A 38 0.61 -8.85 0.33
N GLN A 39 0.51 -7.58 0.71
CA GLN A 39 1.57 -6.91 1.44
C GLN A 39 1.02 -5.83 2.36
N TYR A 40 1.82 -5.41 3.34
CA TYR A 40 1.41 -4.39 4.29
C TYR A 40 1.38 -3.01 3.63
N GLU A 41 2.53 -2.57 3.14
CA GLU A 41 2.63 -1.28 2.49
C GLU A 41 1.43 -1.01 1.61
N ASN A 42 0.82 0.15 1.77
CA ASN A 42 -0.36 0.52 0.99
C ASN A 42 0.04 0.92 -0.43
N PRO A 43 -0.77 0.49 -1.42
CA PRO A 43 -0.53 0.79 -2.83
C PRO A 43 -0.73 2.26 -3.16
N VAL A 44 -1.84 2.82 -2.70
CA VAL A 44 -2.16 4.22 -2.94
C VAL A 44 -0.99 5.12 -2.57
N LEU A 45 -0.32 4.79 -1.48
CA LEU A 45 0.83 5.57 -1.01
C LEU A 45 2.04 5.34 -1.91
N GLU A 46 2.31 4.07 -2.20
CA GLU A 46 3.45 3.72 -3.05
C GLU A 46 3.38 4.46 -4.37
N ALA A 47 2.31 4.23 -5.12
CA ALA A 47 2.12 4.87 -6.42
C ALA A 47 2.40 6.36 -6.33
N LYS A 48 1.61 7.05 -5.51
CA LYS A 48 1.77 8.49 -5.34
C LYS A 48 3.16 8.84 -4.84
N ARG A 49 3.85 7.85 -4.26
CA ARG A 49 5.19 8.04 -3.75
C ARG A 49 6.23 7.88 -4.86
N LYS A 50 5.93 7.01 -5.82
CA LYS A 50 6.83 6.76 -6.94
C LYS A 50 6.49 7.66 -8.12
N LYS A 51 5.36 8.35 -8.03
CA LYS A 51 4.92 9.25 -9.08
C LYS A 51 5.35 10.68 -8.80
N GLN A 52 5.29 11.07 -7.53
CA GLN A 52 5.68 12.41 -7.11
C GLN A 52 7.10 12.73 -7.55
N LEU A 53 7.87 11.68 -7.86
CA LEU A 53 9.25 11.85 -8.29
C LEU A 53 9.34 12.83 -9.46
N GLU A 54 10.00 13.96 -9.23
CA GLU A 54 10.15 14.98 -10.26
C GLU A 54 11.34 14.65 -11.17
N SER A 55 11.44 15.37 -12.28
CA SER A 55 12.53 15.16 -13.23
C SER A 55 13.52 16.31 -13.19
N GLY A 56 14.62 16.11 -12.46
CA GLY A 56 15.63 17.14 -12.34
C GLY A 56 16.18 17.26 -10.94
N PRO A 57 15.72 18.29 -10.20
CA PRO A 57 16.15 18.54 -8.83
C PRO A 57 15.64 17.49 -7.85
N SER A 58 16.54 16.61 -7.40
CA SER A 58 16.17 15.55 -6.47
C SER A 58 17.36 15.15 -5.61
N SER A 59 17.08 14.59 -4.43
CA SER A 59 18.13 14.17 -3.52
C SER A 59 18.13 12.65 -3.37
N GLY A 60 16.97 12.09 -3.03
CA GLY A 60 16.86 10.65 -2.87
C GLY A 60 15.76 10.26 -1.91
N GLY A 1 13.01 -4.41 9.27
CA GLY A 1 11.84 -5.24 9.02
C GLY A 1 10.55 -4.45 9.08
N SER A 2 9.49 -5.10 9.55
CA SER A 2 8.18 -4.45 9.65
C SER A 2 8.33 -2.99 10.06
N SER A 3 7.61 -2.11 9.37
CA SER A 3 7.66 -0.69 9.66
C SER A 3 6.73 -0.33 10.81
N GLY A 4 5.46 -0.68 10.67
CA GLY A 4 4.48 -0.39 11.70
C GLY A 4 3.14 -1.03 11.44
N SER A 5 3.17 -2.29 10.99
CA SER A 5 1.95 -3.02 10.69
C SER A 5 0.88 -2.73 11.75
N SER A 6 -0.39 -2.83 11.33
CA SER A 6 -1.50 -2.59 12.24
C SER A 6 -1.39 -1.20 12.89
N GLY A 7 -1.03 -0.22 12.08
CA GLY A 7 -0.88 1.14 12.59
C GLY A 7 -1.89 2.10 11.97
N LEU A 8 -1.40 3.16 11.35
CA LEU A 8 -2.26 4.15 10.72
C LEU A 8 -2.28 3.97 9.20
N ASP A 9 -2.35 2.71 8.76
CA ASP A 9 -2.38 2.40 7.34
C ASP A 9 -3.72 1.78 6.95
N SER A 10 -4.47 2.48 6.10
CA SER A 10 -5.77 2.00 5.66
C SER A 10 -5.88 2.05 4.14
N GLU A 11 -7.00 1.58 3.61
CA GLU A 11 -7.23 1.56 2.18
C GLU A 11 -6.57 2.77 1.51
N LEU A 12 -6.82 3.96 2.07
CA LEU A 12 -6.25 5.19 1.53
C LEU A 12 -6.76 5.44 0.10
N GLU A 13 -8.01 5.09 -0.15
CA GLU A 13 -8.61 5.29 -1.46
C GLU A 13 -7.90 4.44 -2.51
N LEU A 14 -7.83 3.13 -2.26
CA LEU A 14 -7.17 2.22 -3.18
C LEU A 14 -7.68 2.42 -4.61
N PRO A 15 -6.81 2.12 -5.58
CA PRO A 15 -7.15 2.26 -7.00
C PRO A 15 -8.18 1.24 -7.46
N ALA A 16 -7.70 0.08 -7.91
CA ALA A 16 -8.59 -0.98 -8.38
C ALA A 16 -7.99 -2.36 -8.10
N GLY A 17 -8.82 -3.26 -7.59
CA GLY A 17 -8.36 -4.61 -7.29
C GLY A 17 -7.67 -4.69 -5.94
N TRP A 18 -8.13 -3.87 -4.99
CA TRP A 18 -7.55 -3.85 -3.65
C TRP A 18 -8.63 -4.11 -2.60
N GLU A 19 -8.30 -4.98 -1.65
CA GLU A 19 -9.24 -5.33 -0.59
C GLU A 19 -8.54 -5.32 0.77
N LYS A 20 -9.01 -4.45 1.67
CA LYS A 20 -8.43 -4.34 3.00
C LYS A 20 -8.99 -5.42 3.92
N ILE A 21 -8.15 -6.41 4.24
CA ILE A 21 -8.56 -7.50 5.11
C ILE A 21 -7.95 -7.35 6.51
N GLU A 22 -8.81 -7.21 7.51
CA GLU A 22 -8.36 -7.07 8.89
C GLU A 22 -8.40 -8.40 9.62
N ASP A 23 -7.24 -8.85 10.08
CA ASP A 23 -7.15 -10.12 10.80
C ASP A 23 -6.55 -9.91 12.19
N PRO A 24 -7.04 -10.70 13.17
CA PRO A 24 -6.58 -10.61 14.56
C PRO A 24 -5.15 -11.12 14.72
N VAL A 25 -4.77 -12.10 13.89
CA VAL A 25 -3.44 -12.67 13.95
C VAL A 25 -2.58 -12.17 12.79
N TYR A 26 -3.16 -12.17 11.60
CA TYR A 26 -2.45 -11.72 10.40
C TYR A 26 -2.40 -10.20 10.35
N GLY A 27 -3.42 -9.56 10.90
CA GLY A 27 -3.48 -8.11 10.89
C GLY A 27 -4.15 -7.55 9.66
N ILE A 28 -4.07 -6.24 9.47
CA ILE A 28 -4.68 -5.60 8.32
C ILE A 28 -3.75 -5.62 7.12
N TYR A 29 -4.20 -6.26 6.04
CA TYR A 29 -3.39 -6.36 4.82
C TYR A 29 -4.28 -6.26 3.59
N TYR A 30 -3.73 -5.72 2.51
CA TYR A 30 -4.46 -5.56 1.26
C TYR A 30 -4.16 -6.71 0.31
N VAL A 31 -5.20 -7.39 -0.15
CA VAL A 31 -5.05 -8.51 -1.07
C VAL A 31 -5.44 -8.11 -2.49
N ASP A 32 -4.61 -8.52 -3.46
CA ASP A 32 -4.88 -8.20 -4.86
C ASP A 32 -5.50 -9.39 -5.58
N HIS A 33 -6.76 -9.23 -5.99
CA HIS A 33 -7.47 -10.30 -6.68
C HIS A 33 -7.12 -10.31 -8.17
N ILE A 34 -6.05 -9.60 -8.52
CA ILE A 34 -5.60 -9.54 -9.90
C ILE A 34 -4.16 -10.01 -10.05
N ASN A 35 -3.30 -9.55 -9.15
CA ASN A 35 -1.88 -9.93 -9.17
C ASN A 35 -1.64 -11.14 -8.28
N ARG A 36 -2.66 -11.55 -7.54
CA ARG A 36 -2.56 -12.69 -6.64
C ARG A 36 -1.39 -12.53 -5.68
N LYS A 37 -1.30 -11.36 -5.06
CA LYS A 37 -0.22 -11.07 -4.12
C LYS A 37 -0.73 -10.23 -2.94
N THR A 38 -0.02 -10.28 -1.83
CA THR A 38 -0.39 -9.52 -0.64
C THR A 38 0.83 -8.95 0.06
N GLN A 39 0.71 -7.71 0.53
CA GLN A 39 1.82 -7.05 1.21
C GLN A 39 1.31 -6.13 2.32
N TYR A 40 2.23 -5.50 3.04
CA TYR A 40 1.86 -4.60 4.12
C TYR A 40 1.85 -3.15 3.65
N GLU A 41 2.90 -2.77 2.92
CA GLU A 41 3.02 -1.41 2.41
C GLU A 41 1.84 -1.07 1.50
N ASN A 42 1.06 -0.07 1.91
CA ASN A 42 -0.10 0.35 1.14
C ASN A 42 0.32 0.78 -0.27
N PRO A 43 -0.50 0.38 -1.27
CA PRO A 43 -0.24 0.72 -2.67
C PRO A 43 -0.42 2.20 -2.97
N VAL A 44 -1.57 2.75 -2.56
CA VAL A 44 -1.87 4.15 -2.77
C VAL A 44 -0.67 5.03 -2.43
N LEU A 45 0.01 4.68 -1.34
CA LEU A 45 1.18 5.43 -0.90
C LEU A 45 2.34 5.25 -1.86
N GLU A 46 2.58 4.01 -2.27
CA GLU A 46 3.67 3.71 -3.19
C GLU A 46 3.51 4.49 -4.49
N ALA A 47 2.42 4.25 -5.20
CA ALA A 47 2.15 4.93 -6.45
C ALA A 47 2.35 6.43 -6.31
N LYS A 48 1.57 7.05 -5.42
CA LYS A 48 1.66 8.48 -5.19
C LYS A 48 3.07 8.88 -4.77
N ARG A 49 3.84 7.91 -4.29
CA ARG A 49 5.21 8.16 -3.86
C ARG A 49 6.18 8.08 -5.04
N LYS A 50 5.88 7.19 -5.98
CA LYS A 50 6.72 7.01 -7.16
C LYS A 50 6.19 7.82 -8.34
N LYS A 51 5.00 8.40 -8.16
CA LYS A 51 4.38 9.21 -9.21
C LYS A 51 4.66 10.69 -8.98
N GLN A 52 4.48 11.14 -7.75
CA GLN A 52 4.71 12.55 -7.41
C GLN A 52 6.08 13.00 -7.90
N LEU A 53 7.03 12.07 -7.95
CA LEU A 53 8.38 12.38 -8.40
C LEU A 53 8.37 12.91 -9.83
N GLU A 54 8.65 14.20 -9.99
CA GLU A 54 8.68 14.83 -11.30
C GLU A 54 10.10 15.23 -11.68
N SER A 55 10.61 14.63 -12.77
CA SER A 55 11.96 14.93 -13.23
C SER A 55 11.97 16.19 -14.10
N GLY A 56 13.10 16.88 -14.11
CA GLY A 56 13.22 18.09 -14.90
C GLY A 56 13.70 19.27 -14.09
N PRO A 57 14.51 20.13 -14.71
CA PRO A 57 15.06 21.32 -14.06
C PRO A 57 13.99 22.38 -13.77
N SER A 58 13.86 22.75 -12.49
CA SER A 58 12.88 23.74 -12.09
C SER A 58 12.82 24.90 -13.07
N SER A 59 11.68 25.56 -13.15
CA SER A 59 11.49 26.68 -14.06
C SER A 59 10.30 27.53 -13.64
N GLY A 60 10.51 28.83 -13.54
CA GLY A 60 9.44 29.74 -13.16
C GLY A 60 9.86 30.69 -12.06
N GLY A 1 2.67 -10.87 14.52
CA GLY A 1 2.85 -12.01 15.40
C GLY A 1 3.70 -11.67 16.62
N SER A 2 4.88 -11.13 16.38
CA SER A 2 5.79 -10.77 17.47
C SER A 2 5.30 -9.52 18.18
N SER A 3 4.99 -8.48 17.41
CA SER A 3 4.51 -7.22 17.98
C SER A 3 2.98 -7.22 18.10
N GLY A 4 2.44 -6.18 18.72
CA GLY A 4 1.01 -6.08 18.88
C GLY A 4 0.49 -4.67 18.61
N SER A 5 0.86 -4.12 17.46
CA SER A 5 0.44 -2.77 17.09
C SER A 5 -0.64 -2.83 16.03
N SER A 6 -1.56 -1.87 16.08
CA SER A 6 -2.65 -1.80 15.12
C SER A 6 -2.19 -1.21 13.80
N GLY A 7 -2.98 -1.41 12.75
CA GLY A 7 -2.62 -0.89 11.44
C GLY A 7 -3.27 0.45 11.16
N LEU A 8 -2.74 1.51 11.77
CA LEU A 8 -3.28 2.85 11.58
C LEU A 8 -3.64 3.09 10.12
N ASP A 9 -2.79 2.61 9.22
CA ASP A 9 -3.03 2.76 7.79
C ASP A 9 -4.36 2.13 7.38
N SER A 10 -4.69 2.24 6.10
CA SER A 10 -5.94 1.68 5.58
C SER A 10 -5.97 1.74 4.06
N GLU A 11 -7.06 1.26 3.48
CA GLU A 11 -7.22 1.26 2.03
C GLU A 11 -6.69 2.55 1.42
N LEU A 12 -7.04 3.67 2.04
CA LEU A 12 -6.60 4.99 1.56
C LEU A 12 -7.12 5.25 0.15
N GLU A 13 -8.37 4.87 -0.10
CA GLU A 13 -8.98 5.07 -1.41
C GLU A 13 -8.25 4.27 -2.48
N LEU A 14 -8.13 2.96 -2.26
CA LEU A 14 -7.45 2.08 -3.20
C LEU A 14 -8.02 2.26 -4.60
N PRO A 15 -7.18 1.98 -5.61
CA PRO A 15 -7.56 2.10 -7.03
C PRO A 15 -8.57 1.04 -7.44
N ALA A 16 -8.06 -0.09 -7.92
CA ALA A 16 -8.92 -1.19 -8.35
C ALA A 16 -8.26 -2.54 -8.08
N GLY A 17 -9.04 -3.47 -7.53
CA GLY A 17 -8.52 -4.79 -7.23
C GLY A 17 -7.81 -4.84 -5.89
N TRP A 18 -8.28 -4.03 -4.95
CA TRP A 18 -7.69 -3.97 -3.62
C TRP A 18 -8.74 -4.26 -2.55
N GLU A 19 -8.38 -5.10 -1.59
CA GLU A 19 -9.29 -5.45 -0.50
C GLU A 19 -8.57 -5.41 0.84
N LYS A 20 -9.08 -4.58 1.75
CA LYS A 20 -8.50 -4.45 3.08
C LYS A 20 -9.01 -5.54 4.02
N ILE A 21 -8.14 -6.51 4.32
CA ILE A 21 -8.51 -7.60 5.21
C ILE A 21 -7.91 -7.42 6.60
N GLU A 22 -8.76 -7.30 7.60
CA GLU A 22 -8.32 -7.12 8.98
C GLU A 22 -8.32 -8.45 9.72
N ASP A 23 -7.13 -8.87 10.17
CA ASP A 23 -7.00 -10.12 10.90
C ASP A 23 -6.40 -9.88 12.29
N PRO A 24 -6.85 -10.68 13.27
CA PRO A 24 -6.38 -10.57 14.66
C PRO A 24 -4.93 -11.02 14.81
N VAL A 25 -4.53 -12.00 14.02
CA VAL A 25 -3.17 -12.52 14.07
C VAL A 25 -2.34 -12.00 12.90
N TYR A 26 -2.92 -12.04 11.70
CA TYR A 26 -2.23 -11.57 10.51
C TYR A 26 -2.24 -10.04 10.44
N GLY A 27 -3.28 -9.43 10.99
CA GLY A 27 -3.39 -7.99 10.98
C GLY A 27 -4.10 -7.47 9.75
N ILE A 28 -3.93 -6.18 9.46
CA ILE A 28 -4.56 -5.56 8.31
C ILE A 28 -3.64 -5.60 7.10
N TYR A 29 -4.11 -6.26 6.03
CA TYR A 29 -3.33 -6.37 4.80
C TYR A 29 -4.23 -6.27 3.57
N TYR A 30 -3.69 -5.72 2.49
CA TYR A 30 -4.44 -5.57 1.25
C TYR A 30 -4.14 -6.71 0.29
N VAL A 31 -5.19 -7.39 -0.16
CA VAL A 31 -5.04 -8.50 -1.09
C VAL A 31 -5.44 -8.10 -2.51
N ASP A 32 -4.62 -8.47 -3.48
CA ASP A 32 -4.90 -8.13 -4.88
C ASP A 32 -5.49 -9.35 -5.60
N HIS A 33 -6.70 -9.17 -6.14
CA HIS A 33 -7.38 -10.24 -6.85
C HIS A 33 -6.97 -10.25 -8.33
N ILE A 34 -6.01 -9.40 -8.67
CA ILE A 34 -5.53 -9.31 -10.04
C ILE A 34 -4.06 -9.71 -10.14
N ASN A 35 -3.25 -9.19 -9.22
CA ASN A 35 -1.82 -9.50 -9.20
C ASN A 35 -1.54 -10.74 -8.36
N ARG A 36 -2.57 -11.21 -7.66
CA ARG A 36 -2.43 -12.40 -6.82
C ARG A 36 -1.26 -12.24 -5.84
N LYS A 37 -1.24 -11.11 -5.14
CA LYS A 37 -0.18 -10.84 -4.18
C LYS A 37 -0.73 -10.10 -2.96
N THR A 38 0.00 -10.16 -1.85
CA THR A 38 -0.41 -9.51 -0.62
C THR A 38 0.79 -8.94 0.14
N GLN A 39 0.68 -7.68 0.54
CA GLN A 39 1.75 -7.03 1.27
C GLN A 39 1.20 -5.96 2.22
N TYR A 40 2.03 -5.54 3.17
CA TYR A 40 1.62 -4.52 4.14
C TYR A 40 1.58 -3.14 3.50
N GLU A 41 2.71 -2.69 2.99
CA GLU A 41 2.80 -1.39 2.34
C GLU A 41 1.57 -1.11 1.49
N ASN A 42 0.97 0.06 1.69
CA ASN A 42 -0.22 0.43 0.94
C ASN A 42 0.14 0.85 -0.48
N PRO A 43 -0.68 0.44 -1.45
CA PRO A 43 -0.48 0.77 -2.87
C PRO A 43 -0.70 2.25 -3.16
N VAL A 44 -1.81 2.78 -2.68
CA VAL A 44 -2.15 4.18 -2.89
C VAL A 44 -0.96 5.08 -2.57
N LEU A 45 -0.30 4.80 -1.45
CA LEU A 45 0.85 5.58 -1.02
C LEU A 45 2.02 5.41 -1.99
N GLU A 46 2.40 4.17 -2.24
CA GLU A 46 3.50 3.86 -3.15
C GLU A 46 3.37 4.66 -4.44
N ALA A 47 2.23 4.52 -5.10
CA ALA A 47 1.97 5.23 -6.35
C ALA A 47 2.31 6.71 -6.22
N LYS A 48 1.59 7.39 -5.34
CA LYS A 48 1.81 8.81 -5.12
C LYS A 48 3.24 9.08 -4.66
N ARG A 49 3.94 8.02 -4.29
CA ARG A 49 5.32 8.14 -3.82
C ARG A 49 6.30 7.95 -4.98
N LYS A 50 5.92 7.10 -5.93
CA LYS A 50 6.77 6.83 -7.10
C LYS A 50 6.41 7.76 -8.24
N LYS A 51 5.25 8.39 -8.16
CA LYS A 51 4.80 9.32 -9.20
C LYS A 51 5.23 10.75 -8.87
N GLN A 52 5.31 11.06 -7.58
CA GLN A 52 5.70 12.39 -7.14
C GLN A 52 7.08 12.76 -7.70
N LEU A 53 7.89 11.74 -7.98
CA LEU A 53 9.22 11.96 -8.52
C LEU A 53 9.20 12.09 -10.03
N GLU A 54 8.20 12.80 -10.55
CA GLU A 54 8.05 13.00 -11.98
C GLU A 54 8.53 11.77 -12.75
N SER A 55 8.19 10.59 -12.25
CA SER A 55 8.59 9.35 -12.88
C SER A 55 7.40 8.38 -12.98
N GLY A 56 7.34 7.64 -14.09
CA GLY A 56 6.25 6.70 -14.29
C GLY A 56 5.48 6.97 -15.55
N PRO A 57 4.24 6.44 -15.62
CA PRO A 57 3.38 6.61 -16.79
C PRO A 57 2.88 8.04 -16.93
N SER A 58 2.90 8.78 -15.83
CA SER A 58 2.44 10.17 -15.83
C SER A 58 3.36 11.05 -16.66
N SER A 59 2.78 11.87 -17.52
CA SER A 59 3.56 12.76 -18.38
C SER A 59 4.31 13.79 -17.56
N GLY A 60 3.64 14.36 -16.55
CA GLY A 60 4.26 15.35 -15.70
C GLY A 60 3.31 16.46 -15.32
#